data_6HV8
#
_entry.id   6HV8
#
loop_
_entity.id
_entity.type
_entity.pdbx_description
1 polymer 'DNA polymerase epsilon subunit B'
2 polymer 'DNA polymerase epsilon catalytic subunit A'
3 non-polymer 'ZINC ION'
#
loop_
_entity_poly.entity_id
_entity_poly.type
_entity_poly.pdbx_seq_one_letter_code
_entity_poly.pdbx_strand_id
1 'polypeptide(L)'
;MFGSGNVLPVKIQPPLLRPLAYRVLSRKYGLSIKSDGLSALAEFVGTNIGANWRQGPATIKFLEQFAAVWKQQERGLFID
QSGVKEVIQEMKEREKVEWSHEHPIQHEENILGRTDDDENNSDDEMPIAADSSLQNVSLSSPMRQPTERDEYKQPFKPES
SKALDWRDYFKVINASQQQRFSYNPHKMQFIFVPNKKQNGLGGIAGFLPDIEDKVQMFLTRYYLTNDRVMRNENFQNSDM
FNPLSSMVSLQNELSNTNRQQQSSSNSITPIKNLLGRDAQNFLLLGLLNKNFKGNWSLEDPSGSVEIDISQTIPTQGHYY
VPGCMVLVEGIYYSVGNKFHVTSMTLPPGERREITLETIGNLDLLGIHGISNNNFIARLDKDLKIRLHLLEKELTDHKFV
ILGANLFLDDLKIMTALSKILQKLNDDPPTLLIWQGSFTSVPVFASMSSRNISSSTQFKNNFDALATLLSRFDNLTENTT
MIFIPGPNDLWGSMVSLGASGTLPQDPIPSAFTKKINKVCKNVVWSSNPTRIAYLSQEIVIFRDDLSGRFKRHRLEFPFN
ESEDVYTENDNMMSKDTDIVPIDELVKEPDQLPQKVQETRKLVKTILDQGHLSPFLDSLRPISWDLDHTLTLCPIPSTMV
LCDTTSAQFDLTYNGCKVINPGSFIHNRRARYMEYVPSSKKTIQEEIYI
;
B
2 'polypeptide(L)'
;SMIRKQAESYANSTWEVLQYKDSGEPGVLEVFVTINGKVQNITFHIPKTIYMKFKSQTMPLQKIKNCLIEKSSASLPNNP
KTSNPAGGQLFKITLPESVFLEEKENCTSIFNDENVLGVFEGTITPHQRAIMDLGASVTFRSKAMGALGKGIQQGFEMKD
LSMAENERYLSGFSMDIGYLLHFPTSIGYEFFSLFKSWGDTITILVLKPSNQAQEINASSLGQIYKQMFEKKKGKIETYS
YLVDIKEDINFEFVYFTDISKLYRRLSQETTKLKEERGLQFLLLLQSPFITKLLGTIRLLNQMPIVKLSLNEVLLPQLNW
QPTLLKKLVNHVLSSGSWISHLIKLSQYSNIPICNLRLDSMDYIIDVLYARKLKKENIVLWWNEKAPLPDHGGIQNDFDL
NTSWIMNDSEFPKINNSGVYDNVVLDVGVDNLTVNTILTSALINDAEGSDLVNNNMGIDDKDAVINSPSEFVHDAFSNDA
LNVLRGMLKEWWDEALKENSTADLLVNSLASWVQNPNAKLFDGLLRYHVHNLTKKALLQLVNEFSALGSTIVYADRNQIL
IKTNKYSPENCYAYSQYMMKAVRTNPMFSYLDLNIKRYWDLLIWMDKFNFSGLACIEIEEKENQDYTAVSQWQLKKFLSP
IYQPEFEDWMMIILDSMLKTKQSYLKLNSGTQRPTQIVNVKKQDKEDSVENSLNGFSHLFSKPLMKRVKKLFKNQQEFIL
DPQYEADYVIPVLPGSHLNVKNPLLELVKSLCHVMLLSKSTILEIRTLRKELLKIFELREFAKVAEFKDPSLSLVVPDFL
CEYCFFISDIDFCKAAPESIFSCVRCHKAFNQVLLQEHLIQKLRSDIESYLIQDLRCSRCHKVKRDYMSAHCPCAGAWEG
TLPRESIVQKLNVFKQVAKYYGFDILLSCIADLT
;
A
#
# COMPACT_ATOMS: atom_id res chain seq x y z
N PHE A 170 -20.96 -18.88 28.60
CA PHE A 170 -20.89 -17.51 28.13
C PHE A 170 -19.47 -17.15 27.76
N LYS A 171 -19.18 -17.16 26.47
CA LYS A 171 -17.86 -16.84 25.96
C LYS A 171 -18.03 -16.01 24.70
N VAL A 172 -16.97 -15.98 23.90
CA VAL A 172 -16.93 -15.34 22.60
C VAL A 172 -16.44 -16.43 21.67
N ILE A 173 -17.13 -16.63 20.56
CA ILE A 173 -16.80 -17.70 19.63
C ILE A 173 -15.60 -17.34 18.78
N ASN A 174 -14.60 -18.21 18.78
CA ASN A 174 -13.39 -18.03 17.99
C ASN A 174 -13.63 -18.61 16.60
N ALA A 175 -13.58 -17.73 15.58
CA ALA A 175 -13.81 -18.17 14.21
C ALA A 175 -12.74 -19.13 13.74
N SER A 176 -11.48 -18.89 14.12
CA SER A 176 -10.41 -19.78 13.71
C SER A 176 -10.45 -21.09 14.47
N GLN A 177 -11.16 -21.14 15.59
CA GLN A 177 -11.25 -22.33 16.41
C GLN A 177 -12.66 -22.89 16.44
N GLN A 178 -13.52 -22.48 15.52
CA GLN A 178 -14.88 -22.97 15.53
C GLN A 178 -14.96 -24.33 14.84
N GLN A 179 -16.13 -24.95 14.94
CA GLN A 179 -16.42 -26.28 14.39
C GLN A 179 -16.76 -26.15 12.90
N ARG A 180 -17.28 -27.23 12.32
CA ARG A 180 -17.67 -27.24 10.91
C ARG A 180 -18.72 -28.32 10.76
N PHE A 181 -19.79 -28.02 10.02
CA PHE A 181 -20.89 -28.95 9.80
C PHE A 181 -21.23 -29.06 8.33
N SER A 182 -21.37 -30.30 7.85
CA SER A 182 -21.71 -30.56 6.46
C SER A 182 -23.07 -31.25 6.43
N TYR A 183 -23.87 -30.85 5.45
CA TYR A 183 -25.23 -31.32 5.26
C TYR A 183 -25.31 -32.51 4.31
N ASN A 184 -26.23 -33.43 4.62
CA ASN A 184 -26.52 -34.63 3.86
C ASN A 184 -27.99 -34.56 3.51
N PRO A 185 -28.32 -34.56 2.21
CA PRO A 185 -29.73 -34.49 1.81
C PRO A 185 -30.51 -35.75 2.06
N HIS A 186 -29.88 -36.93 2.03
CA HIS A 186 -30.64 -38.15 2.27
C HIS A 186 -30.98 -38.25 3.75
N LYS A 187 -30.01 -38.01 4.60
CA LYS A 187 -30.25 -38.05 6.02
C LYS A 187 -30.71 -36.69 6.51
N MET A 188 -30.56 -35.66 5.68
CA MET A 188 -30.92 -34.27 5.97
C MET A 188 -30.25 -33.80 7.25
N GLN A 189 -28.97 -34.14 7.41
CA GLN A 189 -28.32 -33.73 8.66
C GLN A 189 -26.83 -33.47 8.44
N PHE A 190 -26.21 -32.96 9.49
CA PHE A 190 -24.81 -32.58 9.48
C PHE A 190 -23.94 -33.66 10.11
N ILE A 191 -22.66 -33.63 9.77
CA ILE A 191 -21.70 -34.63 10.24
C ILE A 191 -20.56 -33.95 11.02
N PHE A 192 -19.78 -34.75 11.77
CA PHE A 192 -18.61 -34.28 12.51
C PHE A 192 -17.56 -33.92 11.47
N VAL A 193 -17.51 -32.68 11.01
CA VAL A 193 -16.49 -32.36 10.01
C VAL A 193 -15.11 -32.21 10.65
N PRO A 194 -14.91 -31.40 11.71
CA PRO A 194 -13.52 -31.41 12.17
C PRO A 194 -13.20 -32.61 13.06
N PHE A 207 -3.18 -26.23 6.72
CA PHE A 207 -4.06 -25.10 7.02
C PHE A 207 -4.94 -24.62 5.89
N LEU A 208 -4.29 -24.37 4.75
CA LEU A 208 -4.95 -23.85 3.56
C LEU A 208 -6.04 -24.78 3.04
N PRO A 209 -7.07 -24.23 2.40
CA PRO A 209 -8.18 -25.07 1.92
C PRO A 209 -7.89 -26.02 0.78
N ASP A 210 -8.94 -26.70 0.31
CA ASP A 210 -8.88 -27.68 -0.76
C ASP A 210 -9.82 -27.29 -1.91
N ILE A 211 -9.65 -27.97 -3.05
CA ILE A 211 -10.46 -27.70 -4.23
C ILE A 211 -11.91 -28.12 -3.99
N GLU A 212 -12.08 -29.24 -3.30
CA GLU A 212 -13.38 -29.78 -2.96
C GLU A 212 -14.19 -28.80 -2.15
N ASP A 213 -13.50 -27.99 -1.34
CA ASP A 213 -14.15 -26.97 -0.55
C ASP A 213 -14.79 -25.93 -1.46
N LYS A 214 -14.05 -25.53 -2.50
CA LYS A 214 -14.56 -24.54 -3.45
C LYS A 214 -15.77 -25.05 -4.20
N VAL A 215 -15.73 -26.32 -4.63
CA VAL A 215 -16.85 -26.85 -5.38
C VAL A 215 -18.07 -27.02 -4.47
N GLN A 216 -17.88 -27.72 -3.36
CA GLN A 216 -18.95 -27.96 -2.41
C GLN A 216 -19.42 -26.70 -1.72
N MET A 217 -18.73 -25.57 -1.89
CA MET A 217 -19.18 -24.29 -1.35
C MET A 217 -20.54 -23.93 -1.93
N PHE A 218 -20.57 -23.73 -3.24
CA PHE A 218 -21.82 -23.42 -3.88
C PHE A 218 -22.73 -24.62 -3.90
N LEU A 219 -22.17 -25.84 -3.90
CA LEU A 219 -23.05 -27.01 -3.88
C LEU A 219 -23.84 -27.07 -2.59
N THR A 220 -23.16 -26.76 -1.48
CA THR A 220 -23.78 -26.74 -0.18
C THR A 220 -24.81 -25.62 -0.14
N ARG A 221 -24.52 -24.51 -0.82
CA ARG A 221 -25.48 -23.42 -0.88
C ARG A 221 -26.75 -23.84 -1.58
N TYR A 222 -26.61 -24.50 -2.73
CA TYR A 222 -27.76 -24.93 -3.50
C TYR A 222 -28.58 -25.96 -2.75
N TYR A 223 -27.93 -26.96 -2.15
CA TYR A 223 -28.70 -27.96 -1.43
C TYR A 223 -29.30 -27.40 -0.16
N LEU A 224 -28.66 -26.43 0.47
CA LEU A 224 -29.25 -25.84 1.67
C LEU A 224 -30.49 -25.06 1.31
N THR A 225 -30.42 -24.32 0.22
CA THR A 225 -31.59 -23.57 -0.21
C THR A 225 -32.67 -24.52 -0.68
N ASN A 226 -32.26 -25.66 -1.26
CA ASN A 226 -33.19 -26.67 -1.73
C ASN A 226 -34.00 -27.23 -0.57
N ASP A 227 -33.30 -27.65 0.49
CA ASP A 227 -33.98 -28.17 1.66
C ASP A 227 -34.80 -27.10 2.34
N ARG A 228 -34.33 -25.86 2.31
CA ARG A 228 -35.06 -24.76 2.90
C ARG A 228 -36.35 -24.51 2.13
N VAL A 229 -36.34 -24.78 0.84
CA VAL A 229 -37.55 -24.65 0.03
C VAL A 229 -38.49 -25.80 0.32
N MET A 230 -37.92 -27.01 0.45
CA MET A 230 -38.71 -28.20 0.73
C MET A 230 -39.42 -28.13 2.08
N ARG A 231 -38.85 -27.37 3.02
CA ARG A 231 -39.50 -27.22 4.33
C ARG A 231 -40.80 -26.44 4.18
N ASN A 232 -40.89 -25.57 3.18
CA ASN A 232 -42.10 -24.82 2.88
C ASN A 232 -42.95 -25.55 1.85
N GLU A 233 -42.78 -26.86 1.76
CA GLU A 233 -43.46 -27.77 0.84
C GLU A 233 -43.24 -27.36 -0.62
N ASN A 266 -45.14 -23.26 -10.09
CA ASN A 266 -45.41 -23.54 -8.69
C ASN A 266 -45.10 -25.00 -8.41
N SER A 267 -43.94 -25.45 -8.86
CA SER A 267 -43.54 -26.84 -8.66
C SER A 267 -42.01 -26.91 -8.61
N ILE A 268 -41.49 -28.12 -8.77
CA ILE A 268 -40.07 -28.41 -8.72
C ILE A 268 -39.69 -29.12 -10.02
N THR A 269 -38.64 -28.62 -10.69
CA THR A 269 -38.17 -29.13 -11.98
C THR A 269 -36.73 -28.71 -12.27
N PRO A 270 -35.87 -29.61 -12.74
CA PRO A 270 -34.49 -29.23 -13.06
C PRO A 270 -34.40 -28.62 -14.46
N ILE A 271 -33.22 -28.12 -14.76
CA ILE A 271 -32.98 -27.50 -16.07
C ILE A 271 -32.97 -28.56 -17.17
N LYS A 272 -32.38 -29.72 -16.90
CA LYS A 272 -32.29 -30.79 -17.89
C LYS A 272 -33.67 -31.28 -18.31
N ASN A 273 -34.64 -31.24 -17.39
CA ASN A 273 -36.01 -31.66 -17.69
C ASN A 273 -36.64 -30.75 -18.73
N LEU A 274 -36.38 -29.46 -18.64
CA LEU A 274 -36.97 -28.55 -19.61
C LEU A 274 -36.17 -28.51 -20.91
N LEU A 275 -34.84 -28.55 -20.84
CA LEU A 275 -34.05 -28.52 -22.06
C LEU A 275 -34.19 -29.81 -22.86
N GLY A 276 -34.63 -30.90 -22.21
CA GLY A 276 -34.88 -32.13 -22.95
C GLY A 276 -36.07 -31.94 -23.86
N ARG A 277 -36.97 -31.05 -23.48
CA ARG A 277 -38.14 -30.69 -24.27
C ARG A 277 -37.79 -29.47 -25.11
N ASP A 278 -38.78 -28.97 -25.82
CA ASP A 278 -38.64 -27.78 -26.64
C ASP A 278 -39.87 -26.88 -26.58
N ALA A 279 -40.86 -27.24 -25.79
CA ALA A 279 -42.10 -26.48 -25.66
C ALA A 279 -42.39 -26.33 -24.18
N GLN A 280 -43.60 -25.94 -23.86
CA GLN A 280 -43.96 -25.73 -22.47
C GLN A 280 -45.32 -26.32 -22.11
N ASN A 281 -42.78 -23.10 -19.20
CA ASN A 281 -43.77 -23.10 -18.14
C ASN A 281 -43.27 -23.52 -16.78
N PHE A 282 -42.27 -22.83 -16.24
CA PHE A 282 -41.76 -23.21 -14.94
C PHE A 282 -41.15 -21.99 -14.25
N LEU A 283 -41.09 -22.09 -12.91
CA LEU A 283 -40.52 -21.13 -11.98
C LEU A 283 -39.16 -21.72 -11.63
N LEU A 284 -38.14 -21.40 -12.43
CA LEU A 284 -36.80 -21.93 -12.28
C LEU A 284 -36.02 -21.24 -11.16
N LEU A 285 -35.13 -22.02 -10.54
CA LEU A 285 -34.26 -21.65 -9.42
C LEU A 285 -32.81 -21.49 -9.87
N GLY A 286 -32.21 -20.35 -9.59
CA GLY A 286 -30.82 -20.25 -10.00
C GLY A 286 -30.17 -18.95 -9.61
N LEU A 287 -28.89 -18.86 -9.94
CA LEU A 287 -28.05 -17.70 -9.66
C LEU A 287 -28.04 -16.71 -10.82
N LEU A 288 -28.38 -15.45 -10.52
CA LEU A 288 -28.37 -14.39 -11.53
C LEU A 288 -26.92 -14.07 -11.86
N ASN A 289 -26.35 -14.86 -12.74
CA ASN A 289 -24.98 -14.68 -13.13
C ASN A 289 -24.93 -13.96 -14.47
N LYS A 290 -23.74 -13.82 -15.03
CA LYS A 290 -23.61 -13.13 -16.30
C LYS A 290 -22.42 -13.64 -17.07
N ASN A 291 -22.63 -13.96 -18.34
CA ASN A 291 -21.57 -14.41 -19.22
C ASN A 291 -21.18 -13.33 -20.20
N PHE A 292 -22.17 -12.69 -20.83
CA PHE A 292 -21.94 -11.62 -21.78
C PHE A 292 -23.03 -10.57 -21.56
N LYS A 293 -22.92 -9.43 -22.24
CA LYS A 293 -23.88 -8.33 -22.08
C LYS A 293 -25.27 -8.76 -22.51
N GLY A 294 -26.17 -8.86 -21.53
CA GLY A 294 -27.50 -9.34 -21.77
C GLY A 294 -27.58 -10.84 -21.67
N ASN A 295 -26.42 -11.50 -21.58
CA ASN A 295 -26.33 -12.95 -21.47
C ASN A 295 -26.27 -13.32 -19.99
N TRP A 296 -27.35 -12.96 -19.32
CA TRP A 296 -27.52 -13.25 -17.91
C TRP A 296 -27.89 -14.73 -17.85
N SER A 297 -26.91 -15.58 -17.58
CA SER A 297 -27.20 -16.99 -17.55
C SER A 297 -27.63 -17.42 -16.14
N LEU A 298 -28.25 -18.59 -16.09
CA LEU A 298 -28.75 -19.19 -14.87
C LEU A 298 -28.22 -20.61 -14.83
N GLU A 299 -27.82 -21.07 -13.65
CA GLU A 299 -27.23 -22.39 -13.47
C GLU A 299 -27.69 -23.10 -12.21
N ASP A 300 -28.10 -24.37 -12.37
CA ASP A 300 -28.50 -25.26 -11.29
C ASP A 300 -27.49 -26.39 -11.48
N PRO A 301 -27.43 -27.44 -10.68
CA PRO A 301 -26.45 -28.49 -10.97
C PRO A 301 -26.82 -29.41 -12.14
N SER A 302 -27.78 -29.04 -12.99
CA SER A 302 -28.20 -29.87 -14.11
C SER A 302 -28.32 -29.05 -15.40
N GLY A 303 -27.33 -28.22 -15.70
CA GLY A 303 -27.38 -27.43 -16.92
C GLY A 303 -27.32 -25.93 -16.80
N SER A 304 -27.08 -25.25 -17.91
CA SER A 304 -27.00 -23.79 -17.96
C SER A 304 -28.00 -23.27 -18.98
N VAL A 305 -28.46 -22.05 -18.78
CA VAL A 305 -29.43 -21.48 -19.73
C VAL A 305 -29.44 -19.95 -19.66
N GLU A 306 -29.42 -19.31 -20.83
CA GLU A 306 -29.48 -17.85 -20.87
C GLU A 306 -30.91 -17.42 -20.60
N ILE A 307 -31.09 -16.39 -19.77
CA ILE A 307 -32.42 -15.92 -19.42
C ILE A 307 -32.55 -14.46 -19.81
N ASP A 308 -33.77 -14.04 -20.11
CA ASP A 308 -34.04 -12.65 -20.47
C ASP A 308 -35.20 -12.15 -19.63
N ILE A 309 -35.18 -10.86 -19.35
CA ILE A 309 -36.24 -10.19 -18.58
C ILE A 309 -36.84 -9.08 -19.41
N SER A 310 -36.82 -9.26 -20.74
CA SER A 310 -37.35 -8.30 -21.69
C SER A 310 -38.81 -8.00 -21.42
N GLN A 311 -39.06 -6.78 -20.95
CA GLN A 311 -40.40 -6.27 -20.61
C GLN A 311 -41.05 -7.15 -19.55
N THR A 312 -40.42 -7.17 -18.38
CA THR A 312 -40.88 -7.94 -17.24
C THR A 312 -41.35 -6.99 -16.14
N ILE A 313 -42.46 -7.34 -15.49
CA ILE A 313 -43.01 -6.54 -14.39
C ILE A 313 -42.98 -7.39 -13.12
N PRO A 314 -41.83 -7.56 -12.49
CA PRO A 314 -41.74 -8.39 -11.29
C PRO A 314 -42.27 -7.64 -10.07
N THR A 315 -42.13 -8.31 -8.93
CA THR A 315 -42.58 -7.74 -7.67
C THR A 315 -41.54 -6.75 -7.17
N GLN A 316 -41.91 -6.03 -6.12
CA GLN A 316 -41.04 -5.04 -5.51
C GLN A 316 -40.18 -5.76 -4.48
N GLY A 317 -39.16 -6.45 -4.97
CA GLY A 317 -38.26 -7.19 -4.13
C GLY A 317 -37.36 -6.29 -3.32
N HIS A 318 -36.60 -6.93 -2.43
CA HIS A 318 -35.70 -6.20 -1.56
C HIS A 318 -34.57 -5.52 -2.32
N TYR A 319 -33.64 -6.29 -2.86
CA TYR A 319 -32.54 -5.72 -3.64
C TYR A 319 -32.02 -6.85 -4.51
N TYR A 320 -32.44 -6.87 -5.76
CA TYR A 320 -31.98 -7.89 -6.67
C TYR A 320 -30.54 -7.61 -7.01
N VAL A 321 -29.66 -8.53 -6.66
CA VAL A 321 -28.23 -8.37 -6.87
C VAL A 321 -27.67 -9.63 -7.53
N PRO A 322 -26.55 -9.56 -8.24
CA PRO A 322 -25.99 -10.77 -8.82
C PRO A 322 -25.41 -11.68 -7.76
N GLY A 323 -25.13 -12.92 -8.16
CA GLY A 323 -24.61 -13.89 -7.22
C GLY A 323 -25.67 -14.29 -6.22
N CYS A 324 -26.93 -14.25 -6.61
CA CYS A 324 -28.05 -14.55 -5.76
C CYS A 324 -28.95 -15.60 -6.38
N MET A 325 -29.38 -16.56 -5.57
CA MET A 325 -30.27 -17.62 -6.00
C MET A 325 -31.70 -17.12 -5.90
N VAL A 326 -32.36 -16.93 -7.04
CA VAL A 326 -33.74 -16.46 -7.10
C VAL A 326 -34.61 -17.46 -7.84
N LEU A 327 -35.90 -17.10 -7.98
CA LEU A 327 -36.91 -17.89 -8.64
C LEU A 327 -37.60 -17.01 -9.67
N VAL A 328 -37.66 -17.48 -10.92
CA VAL A 328 -38.28 -16.73 -12.02
C VAL A 328 -39.21 -17.64 -12.79
N GLU A 329 -40.42 -17.16 -13.11
CA GLU A 329 -41.41 -17.96 -13.81
C GLU A 329 -41.51 -17.53 -15.27
N GLY A 330 -41.84 -18.51 -16.12
CA GLY A 330 -42.00 -18.19 -17.53
C GLY A 330 -42.04 -19.42 -18.42
N ILE A 331 -41.69 -19.20 -19.68
CA ILE A 331 -41.66 -20.24 -20.69
C ILE A 331 -40.30 -20.27 -21.35
N TYR A 332 -39.97 -21.43 -21.88
CA TYR A 332 -38.67 -21.66 -22.51
C TYR A 332 -38.55 -21.00 -23.86
N TYR A 333 -39.43 -21.36 -24.82
CA TYR A 333 -39.43 -20.89 -26.22
C TYR A 333 -38.10 -21.24 -26.89
N SER A 334 -37.90 -22.56 -27.05
CA SER A 334 -36.69 -23.16 -27.60
C SER A 334 -36.26 -22.76 -29.00
N VAL A 335 -37.02 -21.90 -29.68
CA VAL A 335 -36.63 -21.44 -31.01
C VAL A 335 -35.35 -20.64 -30.90
N GLY A 336 -35.21 -19.87 -29.82
CA GLY A 336 -34.01 -19.10 -29.57
C GLY A 336 -33.40 -19.64 -28.30
N ASN A 337 -34.16 -20.51 -27.63
CA ASN A 337 -33.79 -21.18 -26.37
C ASN A 337 -33.46 -20.16 -25.28
N LYS A 338 -34.28 -19.11 -25.18
CA LYS A 338 -34.11 -18.06 -24.19
C LYS A 338 -35.36 -17.98 -23.32
N PHE A 339 -35.22 -18.41 -22.07
CA PHE A 339 -36.31 -18.42 -21.13
C PHE A 339 -36.74 -17.01 -20.78
N HIS A 340 -38.04 -16.79 -20.69
CA HIS A 340 -38.52 -15.46 -20.35
C HIS A 340 -39.00 -15.44 -18.91
N VAL A 341 -38.97 -14.25 -18.32
CA VAL A 341 -39.30 -14.06 -16.91
C VAL A 341 -40.62 -13.34 -16.73
N THR A 342 -41.46 -13.87 -15.85
CA THR A 342 -42.73 -13.26 -15.49
C THR A 342 -42.53 -12.31 -14.31
N SER A 343 -41.87 -12.82 -13.27
CA SER A 343 -41.60 -12.08 -12.06
C SER A 343 -40.44 -12.73 -11.31
N MET A 344 -39.51 -11.89 -10.84
CA MET A 344 -38.35 -12.34 -10.10
C MET A 344 -38.66 -12.30 -8.61
N THR A 345 -38.38 -13.39 -7.90
CA THR A 345 -38.64 -13.42 -6.48
C THR A 345 -37.49 -14.11 -5.76
N LEU A 346 -37.38 -13.80 -4.57
CA LEU A 346 -36.39 -14.25 -3.60
C LEU A 346 -36.95 -15.38 -2.75
N PRO A 347 -36.10 -16.30 -2.32
CA PRO A 347 -36.56 -17.41 -1.47
C PRO A 347 -36.97 -16.88 -0.10
N PRO A 348 -38.17 -17.18 0.34
CA PRO A 348 -38.63 -16.66 1.65
C PRO A 348 -37.90 -17.27 2.82
N GLY A 349 -37.83 -16.51 3.90
CA GLY A 349 -37.19 -16.93 5.13
C GLY A 349 -38.25 -17.07 6.21
N GLU A 350 -38.20 -18.19 6.92
CA GLU A 350 -39.16 -18.49 7.96
C GLU A 350 -38.60 -18.08 9.33
N ARG A 351 -39.49 -17.97 10.31
CA ARG A 351 -39.11 -17.58 11.66
C ARG A 351 -38.15 -18.58 12.29
N ARG A 352 -37.43 -18.09 13.30
CA ARG A 352 -36.44 -18.89 14.00
C ARG A 352 -37.06 -20.00 14.82
N GLU A 353 -38.34 -19.89 15.17
CA GLU A 353 -39.02 -20.90 15.97
C GLU A 353 -39.13 -22.23 15.21
N ILE A 354 -39.79 -22.22 14.05
CA ILE A 354 -39.94 -23.43 13.25
C ILE A 354 -38.57 -23.87 12.71
N THR A 355 -37.66 -22.91 12.51
CA THR A 355 -36.31 -23.19 12.03
C THR A 355 -35.56 -24.06 13.04
N LEU A 356 -35.52 -23.61 14.30
CA LEU A 356 -34.87 -24.41 15.35
C LEU A 356 -35.66 -25.67 15.64
N GLU A 357 -36.94 -25.71 15.25
CA GLU A 357 -37.70 -26.94 15.45
C GLU A 357 -37.21 -28.02 14.48
N THR A 358 -36.90 -27.63 13.25
CA THR A 358 -36.47 -28.60 12.24
C THR A 358 -34.96 -28.73 12.09
N ILE A 359 -34.15 -28.14 12.96
CA ILE A 359 -32.72 -28.31 12.78
C ILE A 359 -32.27 -29.68 13.25
N GLY A 360 -32.97 -30.28 14.19
CA GLY A 360 -32.57 -31.57 14.69
C GLY A 360 -32.33 -31.46 16.19
N ASN A 361 -31.31 -32.15 16.70
CA ASN A 361 -31.02 -32.13 18.12
C ASN A 361 -29.51 -32.00 18.39
N LEU A 362 -28.87 -30.99 17.82
CA LEU A 362 -27.43 -30.83 18.04
C LEU A 362 -27.11 -29.42 18.54
N ASP A 363 -25.83 -29.06 18.55
CA ASP A 363 -25.36 -27.75 19.01
C ASP A 363 -24.79 -26.93 17.87
N LEU A 364 -25.35 -25.72 17.67
CA LEU A 364 -24.93 -24.79 16.63
C LEU A 364 -24.28 -23.54 17.16
N LEU A 365 -23.98 -23.45 18.46
CA LEU A 365 -23.35 -22.27 19.01
C LEU A 365 -22.23 -22.59 19.99
N GLY A 366 -22.25 -23.76 20.63
CA GLY A 366 -21.18 -24.11 21.55
C GLY A 366 -21.55 -24.37 23.00
N ILE A 367 -21.54 -25.64 23.37
CA ILE A 367 -21.82 -26.10 24.74
C ILE A 367 -20.89 -27.27 25.01
N ARG A 378 -22.81 -34.00 21.61
CA ARG A 378 -23.37 -32.67 21.83
C ARG A 378 -24.77 -32.57 21.24
N LEU A 379 -25.73 -32.28 22.10
CA LEU A 379 -27.13 -32.18 21.72
C LEU A 379 -27.68 -30.83 22.16
N ASP A 380 -29.01 -30.70 22.14
CA ASP A 380 -29.73 -29.48 22.52
C ASP A 380 -30.43 -29.70 23.86
N LYS A 381 -30.14 -28.82 24.83
CA LYS A 381 -30.71 -28.84 26.18
C LYS A 381 -31.05 -27.43 26.64
N ASP A 382 -31.68 -26.63 25.77
CA ASP A 382 -32.02 -25.25 26.07
C ASP A 382 -33.32 -25.10 26.82
N LEU A 383 -33.75 -26.12 27.55
CA LEU A 383 -34.99 -26.09 28.30
C LEU A 383 -34.77 -25.60 29.71
N LYS A 384 -33.93 -24.60 29.87
CA LYS A 384 -33.62 -24.09 31.19
C LYS A 384 -34.17 -22.68 31.31
N ILE A 385 -35.28 -22.57 32.05
CA ILE A 385 -35.96 -21.31 32.28
C ILE A 385 -35.13 -20.39 33.17
N ARG A 386 -34.15 -20.94 33.89
CA ARG A 386 -33.30 -20.15 34.74
C ARG A 386 -32.45 -19.19 33.91
N LEU A 387 -32.16 -19.58 32.66
CA LEU A 387 -31.41 -18.73 31.74
C LEU A 387 -32.16 -17.43 31.48
N HIS A 388 -33.40 -17.54 31.00
CA HIS A 388 -34.23 -16.38 30.72
C HIS A 388 -34.57 -15.61 31.98
N LEU A 389 -34.80 -16.31 33.10
CA LEU A 389 -35.13 -15.62 34.34
C LEU A 389 -33.96 -14.81 34.86
N LEU A 390 -32.77 -15.42 34.92
CA LEU A 390 -31.58 -14.72 35.39
C LEU A 390 -31.23 -13.57 34.47
N GLU A 391 -31.44 -13.73 33.16
CA GLU A 391 -31.15 -12.60 32.27
C GLU A 391 -32.18 -11.50 32.48
N LYS A 392 -33.45 -11.87 32.69
CA LYS A 392 -34.50 -10.90 32.93
C LYS A 392 -34.33 -10.22 34.29
N GLU A 393 -33.50 -10.79 35.17
CA GLU A 393 -33.20 -10.22 36.47
C GLU A 393 -31.79 -9.61 36.56
N LEU A 394 -30.76 -10.33 36.11
CA LEU A 394 -29.40 -9.77 36.18
C LEU A 394 -29.21 -8.75 35.09
N THR A 395 -29.50 -7.49 35.41
CA THR A 395 -29.31 -6.39 34.49
C THR A 395 -27.89 -5.87 34.53
N ASP A 396 -27.04 -6.59 35.26
CA ASP A 396 -25.64 -6.29 35.48
C ASP A 396 -24.78 -6.41 34.25
N HIS A 397 -25.27 -7.02 33.20
CA HIS A 397 -24.47 -7.22 32.01
C HIS A 397 -25.00 -6.35 30.88
N LYS A 398 -24.34 -5.20 30.66
CA LYS A 398 -24.71 -4.22 29.65
C LYS A 398 -23.67 -4.16 28.54
N PHE A 399 -24.14 -3.92 27.32
CA PHE A 399 -23.31 -3.88 26.12
C PHE A 399 -23.14 -2.43 25.70
N VAL A 400 -21.93 -2.08 25.24
CA VAL A 400 -21.61 -0.70 24.83
C VAL A 400 -21.12 -0.71 23.39
N ILE A 401 -21.79 0.07 22.53
CA ILE A 401 -21.43 0.15 21.12
C ILE A 401 -21.19 1.62 20.77
N LEU A 402 -20.07 1.89 20.11
CA LEU A 402 -19.78 3.26 19.72
C LEU A 402 -20.04 3.45 18.25
N ASN A 405 -17.10 3.06 13.45
CA ASN A 405 -15.95 3.76 12.93
C ASN A 405 -15.32 4.57 14.04
N LEU A 406 -14.00 4.45 14.20
CA LEU A 406 -13.30 5.16 15.28
C LEU A 406 -11.82 5.27 14.95
N PHE A 407 -11.34 6.48 14.68
CA PHE A 407 -9.93 6.65 14.36
C PHE A 407 -9.15 6.82 15.66
N LEU A 408 -7.85 7.13 15.56
CA LEU A 408 -7.05 7.30 16.78
C LEU A 408 -6.07 8.46 16.79
N ASP A 409 -5.80 9.13 15.68
CA ASP A 409 -4.82 10.22 15.65
C ASP A 409 -5.42 11.62 15.57
N ASP A 410 -6.47 11.90 16.35
CA ASP A 410 -7.08 13.21 16.38
C ASP A 410 -7.42 13.57 17.82
N LEU A 411 -7.37 14.87 18.09
CA LEU A 411 -7.70 15.38 19.42
C LEU A 411 -9.19 15.28 19.67
N LYS A 412 -10.00 15.32 18.61
CA LYS A 412 -11.44 15.20 18.74
C LYS A 412 -11.80 13.83 19.29
N ILE A 413 -11.08 12.80 18.83
CA ILE A 413 -11.28 11.43 19.27
C ILE A 413 -10.97 11.31 20.74
N MET A 414 -9.88 11.97 21.15
CA MET A 414 -9.47 11.97 22.54
C MET A 414 -10.53 12.62 23.40
N THR A 415 -11.09 13.73 22.92
CA THR A 415 -12.13 14.46 23.64
C THR A 415 -13.38 13.62 23.80
N ALA A 416 -13.80 12.97 22.71
CA ALA A 416 -14.98 12.12 22.71
C ALA A 416 -14.79 10.97 23.68
N LEU A 417 -13.64 10.30 23.60
CA LEU A 417 -13.34 9.19 24.49
C LEU A 417 -13.26 9.66 25.93
N SER A 418 -12.83 10.90 26.14
CA SER A 418 -12.74 11.45 27.49
C SER A 418 -14.12 11.56 28.11
N LYS A 419 -15.06 12.17 27.38
CA LYS A 419 -16.40 12.29 27.92
C LYS A 419 -17.12 10.94 27.97
N ILE A 420 -16.81 10.05 27.03
CA ILE A 420 -17.43 8.72 27.03
C ILE A 420 -17.00 7.94 28.26
N LEU A 421 -15.69 7.85 28.48
CA LEU A 421 -15.18 7.14 29.63
C LEU A 421 -15.59 7.85 30.93
N GLN A 422 -15.86 9.17 30.83
CA GLN A 422 -16.39 9.90 31.97
C GLN A 422 -17.76 9.35 32.30
N LYS A 423 -18.53 9.01 31.26
CA LYS A 423 -19.81 8.38 31.51
C LYS A 423 -19.63 6.93 31.92
N LEU A 424 -18.46 6.36 31.66
CA LEU A 424 -18.21 4.97 31.98
C LEU A 424 -17.47 4.74 33.29
N ASN A 425 -16.79 5.73 33.84
CA ASN A 425 -16.12 5.50 35.12
C ASN A 425 -17.12 5.39 36.26
N ASP A 426 -18.27 6.02 36.10
CA ASP A 426 -19.29 5.97 37.14
C ASP A 426 -20.09 4.68 37.06
N ASP A 427 -20.81 4.48 35.95
CA ASP A 427 -21.59 3.28 35.75
C ASP A 427 -20.68 2.22 35.15
N PRO A 428 -20.46 1.09 35.82
CA PRO A 428 -19.59 0.08 35.26
C PRO A 428 -20.30 -0.72 34.18
N PRO A 429 -19.79 -0.70 32.95
CA PRO A 429 -20.41 -1.46 31.88
C PRO A 429 -19.88 -2.88 31.96
N THR A 430 -20.30 -3.70 31.01
CA THR A 430 -19.84 -5.08 31.05
C THR A 430 -19.13 -5.54 29.79
N LEU A 431 -19.64 -5.18 28.62
CA LEU A 431 -19.03 -5.67 27.39
C LEU A 431 -18.84 -4.51 26.41
N LEU A 432 -17.58 -4.12 26.19
CA LEU A 432 -17.23 -3.06 25.26
C LEU A 432 -17.05 -3.63 23.86
N ILE A 433 -17.57 -2.90 22.87
CA ILE A 433 -17.43 -3.34 21.49
C ILE A 433 -16.71 -2.23 20.74
N TRP A 434 -15.42 -2.39 20.52
CA TRP A 434 -14.64 -1.41 19.78
C TRP A 434 -14.72 -1.74 18.30
N GLN A 435 -15.35 -0.87 17.54
CA GLN A 435 -15.53 -1.07 16.11
C GLN A 435 -14.21 -0.95 15.36
N GLY A 436 -14.29 -1.22 14.07
CA GLY A 436 -13.13 -1.20 13.21
C GLY A 436 -12.75 0.16 12.69
N SER A 437 -11.82 0.14 11.73
CA SER A 437 -11.25 1.30 11.06
C SER A 437 -10.59 2.22 12.07
N PHE A 438 -9.55 1.70 12.72
CA PHE A 438 -8.80 2.42 13.74
C PHE A 438 -7.83 3.46 13.19
N THR A 439 -7.78 3.70 11.89
CA THR A 439 -6.86 4.68 11.35
C THR A 439 -7.46 5.27 10.08
N SER A 440 -7.25 6.56 9.86
CA SER A 440 -7.78 7.19 8.66
C SER A 440 -7.11 6.69 7.40
N VAL A 441 -5.91 6.15 7.51
CA VAL A 441 -5.18 5.66 6.35
C VAL A 441 -4.91 4.17 6.45
N PRO A 442 -4.75 3.48 5.35
CA PRO A 442 -4.44 2.05 5.39
C PRO A 442 -2.96 1.79 5.55
N VAL A 443 -2.58 0.54 5.34
CA VAL A 443 -1.21 0.07 5.39
C VAL A 443 -0.47 0.43 4.11
N PHE A 444 0.56 -0.35 3.78
CA PHE A 444 1.41 -0.19 2.58
C PHE A 444 2.11 1.17 2.60
N ALA A 445 3.01 1.29 3.56
CA ALA A 445 3.78 2.51 3.71
C ALA A 445 4.89 2.55 2.69
N SER A 446 5.19 3.75 2.22
CA SER A 446 6.22 3.94 1.22
C SER A 446 7.10 5.17 1.43
N MET A 447 6.85 5.97 2.47
CA MET A 447 7.64 7.18 2.69
C MET A 447 8.26 7.16 4.08
N SER A 448 9.58 7.13 4.13
CA SER A 448 10.32 7.17 5.40
C SER A 448 10.75 8.60 5.72
N SER A 449 9.82 9.54 5.61
CA SER A 449 10.14 10.93 5.91
C SER A 449 10.18 11.12 7.41
N ARG A 450 9.13 10.66 8.08
CA ARG A 450 9.01 10.72 9.52
C ARG A 450 9.70 9.55 10.19
N ASN A 451 10.59 8.85 9.46
CA ASN A 451 11.35 7.69 9.93
C ASN A 451 10.45 6.59 10.51
N ILE A 452 9.22 6.50 10.01
CA ILE A 452 8.25 5.55 10.49
C ILE A 452 7.58 4.82 9.32
N SER A 453 6.59 4.02 9.68
CA SER A 453 5.81 3.25 8.73
C SER A 453 4.40 3.14 9.30
N SER A 454 3.54 2.47 8.53
CA SER A 454 2.16 2.29 8.96
C SER A 454 2.10 1.43 10.21
N SER A 455 3.01 0.46 10.31
CA SER A 455 3.06 -0.41 11.48
C SER A 455 3.42 0.36 12.73
N THR A 456 4.52 1.11 12.68
CA THR A 456 4.99 1.88 13.82
C THR A 456 4.00 2.96 14.21
N GLN A 457 3.40 3.60 13.22
CA GLN A 457 2.42 4.65 13.49
C GLN A 457 1.21 4.07 14.18
N PHE A 458 0.76 2.91 13.71
CA PHE A 458 -0.38 2.26 14.32
C PHE A 458 -0.04 1.78 15.72
N LYS A 459 1.22 1.36 15.93
CA LYS A 459 1.65 0.91 17.24
C LYS A 459 1.62 2.04 18.24
N ASN A 460 2.09 3.22 17.81
CA ASN A 460 2.08 4.40 18.67
C ASN A 460 0.65 4.85 18.94
N ASN A 461 -0.25 4.62 17.98
CA ASN A 461 -1.65 4.94 18.19
C ASN A 461 -2.23 4.05 19.29
N PHE A 462 -1.83 2.77 19.28
CA PHE A 462 -2.25 1.85 20.33
C PHE A 462 -1.69 2.28 21.66
N ASP A 463 -0.46 2.79 21.66
CA ASP A 463 0.16 3.22 22.91
C ASP A 463 -0.58 4.39 23.49
N ALA A 464 -1.03 5.31 22.63
CA ALA A 464 -1.78 6.45 23.11
C ALA A 464 -3.12 6.02 23.65
N LEU A 465 -3.75 5.06 22.98
CA LEU A 465 -5.04 4.55 23.44
C LEU A 465 -4.88 3.82 24.76
N ALA A 466 -3.78 3.10 24.92
CA ALA A 466 -3.50 2.38 26.15
C ALA A 466 -3.20 3.35 27.27
N THR A 467 -2.57 4.47 26.95
CA THR A 467 -2.27 5.46 27.97
C THR A 467 -3.53 6.12 28.48
N LEU A 468 -4.44 6.48 27.57
CA LEU A 468 -5.72 7.05 28.01
C LEU A 468 -6.53 6.02 28.76
N LEU A 469 -6.38 4.76 28.36
CA LEU A 469 -7.09 3.67 29.00
C LEU A 469 -6.57 3.44 30.41
N SER A 470 -5.28 3.65 30.62
CA SER A 470 -4.65 3.47 31.92
C SER A 470 -4.78 4.69 32.80
N ARG A 471 -5.23 5.82 32.25
CA ARG A 471 -5.41 7.03 33.04
C ARG A 471 -6.50 6.85 34.08
N PHE A 472 -7.46 5.99 33.80
CA PHE A 472 -8.58 5.75 34.69
C PHE A 472 -8.66 4.24 34.86
N ASP A 473 -8.24 3.78 36.02
CA ASP A 473 -8.22 2.35 36.30
C ASP A 473 -9.55 1.79 36.74
N ASN A 474 -10.65 2.57 36.68
CA ASN A 474 -11.95 2.02 37.05
C ASN A 474 -12.34 0.92 36.09
N LEU A 475 -11.95 1.09 34.83
CA LEU A 475 -12.18 0.12 33.79
C LEU A 475 -11.22 -1.04 34.02
N THR A 476 -11.58 -2.20 33.44
CA THR A 476 -10.94 -3.52 33.46
C THR A 476 -11.14 -4.19 34.82
N GLU A 477 -11.62 -3.43 35.80
CA GLU A 477 -11.88 -3.99 37.11
C GLU A 477 -13.07 -4.93 37.04
N ASN A 478 -14.09 -4.53 36.29
CA ASN A 478 -15.28 -5.35 36.16
C ASN A 478 -15.89 -5.34 34.76
N THR A 479 -15.21 -4.84 33.74
CA THR A 479 -15.77 -4.79 32.38
C THR A 479 -14.90 -5.56 31.40
N THR A 480 -15.54 -6.35 30.55
CA THR A 480 -14.88 -7.13 29.53
C THR A 480 -14.90 -6.33 28.23
N MET A 481 -13.86 -6.49 27.40
CA MET A 481 -13.74 -5.76 26.15
C MET A 481 -13.58 -6.66 24.94
N ILE A 482 -13.91 -6.10 23.77
CA ILE A 482 -13.84 -6.81 22.49
C ILE A 482 -13.35 -5.84 21.41
N PHE A 483 -12.31 -6.24 20.68
CA PHE A 483 -11.81 -5.45 19.56
C PHE A 483 -12.40 -6.07 18.30
N ILE A 484 -12.62 -5.26 17.28
CA ILE A 484 -13.09 -5.79 16.01
C ILE A 484 -12.31 -5.11 14.91
N PRO A 485 -11.58 -5.85 14.09
CA PRO A 485 -10.80 -5.24 13.01
C PRO A 485 -11.71 -4.77 11.88
N GLY A 486 -11.40 -3.59 11.37
CA GLY A 486 -12.17 -3.02 10.29
C GLY A 486 -11.57 -3.30 8.94
N PRO A 487 -11.95 -2.50 7.94
CA PRO A 487 -11.43 -2.71 6.58
C PRO A 487 -10.09 -2.04 6.30
N ASN A 488 -9.49 -1.32 7.25
CA ASN A 488 -8.24 -0.61 7.01
C ASN A 488 -7.20 -0.95 8.05
N ASP A 489 -7.01 -2.22 8.37
CA ASP A 489 -6.03 -2.62 9.36
C ASP A 489 -5.01 -3.54 8.73
N LEU A 490 -3.97 -3.89 9.47
CA LEU A 490 -2.95 -4.76 8.90
C LEU A 490 -3.43 -6.21 8.80
N THR A 502 -11.67 -9.17 1.34
CA THR A 502 -11.44 -10.59 1.54
C THR A 502 -11.98 -11.06 2.86
N LEU A 503 -12.94 -11.96 2.86
CA LEU A 503 -13.47 -12.40 4.14
C LEU A 503 -13.26 -13.89 4.30
N PRO A 504 -13.10 -14.39 5.54
CA PRO A 504 -13.09 -13.78 6.87
C PRO A 504 -11.77 -13.11 7.11
N GLN A 505 -11.50 -12.68 8.34
CA GLN A 505 -10.26 -11.99 8.61
C GLN A 505 -9.82 -12.15 10.04
N ASP A 506 -8.57 -12.57 10.22
CA ASP A 506 -8.00 -12.74 11.55
C ASP A 506 -7.83 -11.37 12.21
N PRO A 507 -7.91 -11.29 13.55
CA PRO A 507 -7.83 -9.99 14.22
C PRO A 507 -6.47 -9.30 14.18
N ILE A 508 -6.39 -8.17 14.88
CA ILE A 508 -5.16 -7.39 15.00
C ILE A 508 -4.13 -8.25 15.70
N PRO A 509 -2.92 -8.38 15.17
CA PRO A 509 -1.91 -9.26 15.78
C PRO A 509 -1.52 -8.86 17.20
N SER A 510 -0.91 -9.82 17.89
CA SER A 510 -0.50 -9.59 19.28
C SER A 510 0.64 -8.59 19.38
N ALA A 511 1.47 -8.52 18.33
CA ALA A 511 2.60 -7.60 18.29
C ALA A 511 2.18 -6.14 18.38
N PHE A 512 0.95 -5.84 18.02
CA PHE A 512 0.46 -4.49 18.09
C PHE A 512 -0.51 -4.30 19.25
N THR A 513 -0.83 -5.37 19.98
CA THR A 513 -1.75 -5.31 21.12
C THR A 513 -1.04 -5.71 22.41
N LYS A 514 0.30 -5.70 22.37
CA LYS A 514 1.13 -6.09 23.51
C LYS A 514 0.84 -5.28 24.76
N LYS A 515 0.93 -3.94 24.67
CA LYS A 515 0.72 -3.11 25.86
C LYS A 515 -0.70 -3.20 26.40
N ILE A 516 -1.70 -3.29 25.54
CA ILE A 516 -3.06 -3.37 26.05
C ILE A 516 -3.28 -4.72 26.70
N ASN A 517 -2.63 -5.77 26.18
CA ASN A 517 -2.78 -7.06 26.82
C ASN A 517 -2.05 -7.08 28.15
N LYS A 518 -1.00 -6.26 28.29
CA LYS A 518 -0.29 -6.20 29.56
C LYS A 518 -1.10 -5.45 30.61
N VAL A 519 -1.69 -4.33 30.20
CA VAL A 519 -2.45 -3.52 31.14
C VAL A 519 -3.76 -4.19 31.49
N CYS A 520 -4.52 -4.61 30.49
CA CYS A 520 -5.80 -5.20 30.78
C CYS A 520 -5.73 -6.70 30.95
N LYS A 521 -6.85 -7.26 31.42
CA LYS A 521 -6.99 -8.69 31.63
C LYS A 521 -8.32 -9.21 31.13
N ASN A 522 -9.13 -8.39 30.48
CA ASN A 522 -10.42 -8.79 29.97
C ASN A 522 -10.50 -8.47 28.49
N VAL A 523 -9.45 -8.83 27.76
CA VAL A 523 -9.37 -8.55 26.33
C VAL A 523 -9.61 -9.81 25.51
N VAL A 524 -9.97 -9.58 24.26
CA VAL A 524 -10.21 -10.65 23.30
C VAL A 524 -10.05 -10.02 21.94
N TRP A 525 -9.76 -10.85 20.94
CA TRP A 525 -9.55 -10.37 19.58
C TRP A 525 -10.32 -11.30 18.67
N SER A 526 -11.58 -10.99 18.41
CA SER A 526 -12.40 -11.85 17.56
C SER A 526 -12.23 -11.47 16.09
N SER A 527 -12.48 -12.44 15.24
CA SER A 527 -12.39 -12.23 13.81
C SER A 527 -13.63 -11.50 13.33
N ASN A 528 -13.57 -11.00 12.11
CA ASN A 528 -14.72 -10.32 11.53
C ASN A 528 -15.24 -11.24 10.44
N PRO A 529 -16.44 -11.76 10.55
CA PRO A 529 -17.41 -11.54 11.61
C PRO A 529 -17.22 -12.49 12.76
N THR A 530 -17.99 -12.30 13.82
CA THR A 530 -17.87 -13.22 14.94
C THR A 530 -19.22 -13.36 15.59
N ARG A 531 -19.28 -14.27 16.55
CA ARG A 531 -20.53 -14.54 17.26
C ARG A 531 -20.26 -14.51 18.74
N ILE A 532 -21.17 -13.92 19.50
CA ILE A 532 -21.03 -13.86 20.94
C ILE A 532 -21.75 -15.07 21.52
N ALA A 533 -21.02 -15.88 22.30
CA ALA A 533 -21.63 -17.06 22.91
C ALA A 533 -22.53 -16.58 24.04
N TYR A 534 -23.76 -16.26 23.66
CA TYR A 534 -24.74 -15.79 24.63
C TYR A 534 -25.58 -16.99 25.05
N LEU A 535 -25.64 -17.21 26.36
CA LEU A 535 -26.29 -18.33 27.05
C LEU A 535 -27.63 -18.81 26.50
N SER A 536 -28.41 -17.93 25.88
CA SER A 536 -29.66 -18.36 25.29
C SER A 536 -29.92 -17.68 23.96
N GLN A 537 -28.97 -16.93 23.42
CA GLN A 537 -29.21 -16.26 22.16
C GLN A 537 -28.03 -16.38 21.22
N GLU A 538 -28.31 -16.06 19.97
CA GLU A 538 -27.38 -16.14 18.85
C GLU A 538 -27.12 -14.74 18.30
N ILE A 539 -26.21 -13.98 18.92
CA ILE A 539 -25.88 -12.64 18.46
C ILE A 539 -24.62 -12.70 17.60
N VAL A 540 -24.70 -12.11 16.41
CA VAL A 540 -23.61 -12.08 15.46
C VAL A 540 -23.24 -10.62 15.21
N ILE A 541 -21.94 -10.34 15.09
CA ILE A 541 -21.44 -8.98 14.82
C ILE A 541 -20.64 -9.02 13.53
N PHE A 542 -20.98 -8.11 12.61
CA PHE A 542 -20.36 -8.02 11.30
C PHE A 542 -20.28 -6.56 10.89
N ARG A 543 -19.08 -6.06 10.64
CA ARG A 543 -18.88 -4.68 10.24
C ARG A 543 -18.37 -4.65 8.81
N ASP A 544 -19.12 -3.99 7.92
CA ASP A 544 -18.78 -3.83 6.51
C ASP A 544 -19.72 -2.78 5.92
N ASP A 545 -19.60 -2.53 4.63
CA ASP A 545 -20.43 -1.55 3.93
C ASP A 545 -21.47 -2.31 3.11
N LEU A 546 -22.64 -2.50 3.71
CA LEU A 546 -23.68 -3.22 3.01
C LEU A 546 -24.45 -2.32 2.07
N SER A 547 -24.89 -1.16 2.54
CA SER A 547 -25.65 -0.26 1.69
C SER A 547 -24.81 0.34 0.59
N GLY A 548 -23.49 0.41 0.77
CA GLY A 548 -22.62 0.97 -0.23
C GLY A 548 -22.35 0.08 -1.42
N ARG A 549 -22.81 -1.15 -1.41
CA ARG A 549 -22.58 -2.03 -2.55
C ARG A 549 -23.85 -2.46 -3.26
N PHE A 550 -24.99 -2.50 -2.57
CA PHE A 550 -26.22 -2.90 -3.23
C PHE A 550 -26.69 -1.86 -4.24
N LYS A 551 -26.46 -0.60 -3.95
CA LYS A 551 -26.94 0.42 -4.85
C LYS A 551 -26.14 0.48 -6.14
N ARG A 552 -24.88 0.06 -6.12
CA ARG A 552 -24.09 0.10 -7.34
C ARG A 552 -24.23 -1.15 -8.17
N HIS A 553 -25.18 -2.05 -7.88
CA HIS A 553 -25.25 -3.26 -8.69
C HIS A 553 -26.64 -3.78 -9.01
N ARG A 554 -27.71 -2.99 -8.87
CA ARG A 554 -29.01 -3.55 -9.18
C ARG A 554 -29.27 -3.49 -10.69
N LEU A 555 -30.02 -4.49 -11.18
CA LEU A 555 -30.34 -4.67 -12.59
C LEU A 555 -31.07 -3.52 -13.26
N GLU A 556 -32.31 -3.26 -12.85
CA GLU A 556 -33.08 -2.16 -13.45
C GLU A 556 -34.21 -1.67 -12.55
N GLU A 598 -35.60 0.80 2.21
CA GLU A 598 -34.16 1.04 2.17
C GLU A 598 -33.45 0.10 3.11
N THR A 599 -33.51 0.47 4.39
CA THR A 599 -32.90 -0.32 5.43
C THR A 599 -33.56 -1.69 5.52
N ARG A 600 -34.90 -1.71 5.40
CA ARG A 600 -35.58 -2.98 5.44
C ARG A 600 -35.28 -3.79 4.20
N LYS A 601 -34.97 -3.13 3.08
CA LYS A 601 -34.58 -3.84 1.87
C LYS A 601 -33.27 -4.57 2.12
N LEU A 602 -32.34 -3.88 2.78
CA LEU A 602 -31.05 -4.44 3.12
C LEU A 602 -31.16 -5.64 4.06
N VAL A 603 -31.90 -5.45 5.16
CA VAL A 603 -32.09 -6.51 6.15
C VAL A 603 -32.83 -7.68 5.55
N LYS A 604 -33.88 -7.39 4.79
CA LYS A 604 -34.68 -8.40 4.12
C LYS A 604 -33.83 -9.23 3.19
N THR A 605 -32.90 -8.58 2.49
CA THR A 605 -32.02 -9.30 1.57
C THR A 605 -31.10 -10.26 2.33
N ILE A 606 -30.38 -9.75 3.33
CA ILE A 606 -29.44 -10.57 4.08
C ILE A 606 -30.13 -11.71 4.81
N LEU A 607 -31.34 -11.48 5.32
CA LEU A 607 -32.04 -12.54 6.02
C LEU A 607 -32.69 -13.56 5.08
N ASP A 608 -33.20 -13.11 3.94
CA ASP A 608 -33.85 -14.04 3.03
C ASP A 608 -32.83 -14.90 2.31
N GLN A 609 -31.71 -14.32 1.91
CA GLN A 609 -30.70 -15.16 1.29
C GLN A 609 -29.98 -16.03 2.30
N GLY A 610 -30.10 -15.70 3.59
CA GLY A 610 -29.46 -16.46 4.63
C GLY A 610 -27.96 -16.42 4.53
N HIS A 611 -27.41 -15.35 3.99
CA HIS A 611 -25.98 -15.30 3.87
C HIS A 611 -25.54 -13.86 3.95
N LEU A 612 -24.36 -13.67 4.51
CA LEU A 612 -23.84 -12.33 4.70
C LEU A 612 -23.28 -11.74 3.43
N SER A 613 -22.64 -12.54 2.59
CA SER A 613 -22.06 -12.05 1.34
C SER A 613 -22.64 -12.74 0.11
N PRO A 614 -23.90 -12.45 -0.25
CA PRO A 614 -24.42 -13.10 -1.46
C PRO A 614 -23.84 -12.39 -2.67
N PHE A 615 -22.60 -12.72 -2.97
CA PHE A 615 -21.89 -12.12 -4.09
C PHE A 615 -21.01 -13.19 -4.70
N LEU A 616 -20.71 -13.00 -5.98
CA LEU A 616 -19.88 -13.96 -6.70
C LEU A 616 -18.48 -13.98 -6.13
N ASP A 617 -17.81 -15.12 -6.30
CA ASP A 617 -16.46 -15.24 -5.80
C ASP A 617 -15.47 -14.44 -6.63
N SER A 618 -15.87 -13.99 -7.81
CA SER A 618 -15.01 -13.14 -8.59
C SER A 618 -15.19 -11.69 -8.18
N LEU A 619 -16.05 -11.45 -7.19
CA LEU A 619 -16.32 -10.12 -6.67
C LEU A 619 -15.81 -9.99 -5.23
N ARG A 620 -16.26 -10.84 -4.31
CA ARG A 620 -15.80 -10.86 -2.92
C ARG A 620 -15.14 -12.20 -2.68
N PRO A 621 -13.81 -12.29 -2.74
CA PRO A 621 -13.15 -13.58 -2.51
C PRO A 621 -13.29 -14.04 -1.07
N ILE A 622 -14.14 -15.04 -0.86
CA ILE A 622 -14.43 -15.62 0.44
C ILE A 622 -13.52 -16.82 0.60
N SER A 623 -12.90 -16.96 1.75
CA SER A 623 -12.02 -18.09 1.99
C SER A 623 -12.85 -19.38 1.99
N TRP A 624 -12.35 -20.39 1.29
CA TRP A 624 -13.04 -21.66 1.13
C TRP A 624 -13.26 -22.39 2.44
N ASP A 625 -12.33 -22.28 3.39
CA ASP A 625 -12.46 -23.02 4.64
C ASP A 625 -13.61 -22.54 5.51
N LEU A 626 -13.72 -21.24 5.71
CA LEU A 626 -14.71 -20.73 6.64
C LEU A 626 -15.96 -20.16 5.99
N ASP A 627 -16.48 -20.78 4.95
CA ASP A 627 -17.71 -20.24 4.39
C ASP A 627 -18.89 -20.49 5.32
N HIS A 628 -18.81 -21.55 6.12
CA HIS A 628 -19.87 -21.87 7.08
C HIS A 628 -20.04 -20.79 8.12
N THR A 629 -18.96 -20.09 8.45
CA THR A 629 -19.02 -19.01 9.43
C THR A 629 -19.94 -17.90 8.95
N LEU A 630 -19.86 -17.58 7.67
CA LEU A 630 -20.73 -16.55 7.12
C LEU A 630 -22.15 -17.03 6.92
N THR A 631 -22.38 -18.34 6.96
CA THR A 631 -23.71 -18.88 6.74
C THR A 631 -24.63 -18.52 7.89
N LEU A 632 -25.84 -18.11 7.56
CA LEU A 632 -26.85 -17.78 8.56
C LEU A 632 -27.73 -18.98 8.86
N CYS A 633 -27.10 -20.09 9.21
CA CYS A 633 -27.81 -21.32 9.53
C CYS A 633 -27.69 -21.57 11.02
N PRO A 634 -28.73 -21.36 11.81
CA PRO A 634 -30.07 -20.89 11.50
C PRO A 634 -30.14 -19.40 11.66
N ILE A 635 -31.35 -18.89 11.82
CA ILE A 635 -31.62 -17.47 12.01
C ILE A 635 -30.99 -17.02 13.32
N PRO A 636 -30.13 -16.00 13.31
CA PRO A 636 -29.50 -15.56 14.56
C PRO A 636 -30.45 -14.68 15.36
N SER A 637 -30.03 -14.36 16.58
CA SER A 637 -30.86 -13.52 17.43
C SER A 637 -30.67 -12.05 17.10
N THR A 638 -29.43 -11.60 16.97
CA THR A 638 -29.17 -10.20 16.69
C THR A 638 -27.94 -10.02 15.83
N MET A 639 -28.11 -9.41 14.67
CA MET A 639 -27.02 -9.15 13.75
C MET A 639 -26.61 -7.69 13.93
N VAL A 640 -25.37 -7.47 14.38
CA VAL A 640 -24.86 -6.11 14.58
C VAL A 640 -24.20 -5.69 13.28
N LEU A 641 -24.92 -4.93 12.48
CA LEU A 641 -24.40 -4.45 11.20
C LEU A 641 -24.03 -2.99 11.37
N CYS A 642 -22.74 -2.74 11.54
CA CYS A 642 -22.28 -1.36 11.70
C CYS A 642 -22.00 -0.84 10.30
N ASP A 643 -22.98 -0.15 9.74
CA ASP A 643 -22.86 0.40 8.41
C ASP A 643 -22.18 1.76 8.43
N THR A 644 -21.36 2.03 7.41
CA THR A 644 -20.64 3.30 7.31
C THR A 644 -21.23 4.25 6.28
N THR A 645 -22.45 4.00 5.83
CA THR A 645 -23.07 4.92 4.88
C THR A 645 -24.56 5.12 5.12
N SER A 646 -25.14 4.51 6.15
CA SER A 646 -26.54 4.66 6.50
C SER A 646 -26.65 5.12 7.95
N ALA A 647 -27.81 5.67 8.29
CA ALA A 647 -28.04 6.17 9.63
C ALA A 647 -28.14 5.04 10.65
N GLN A 648 -28.20 5.43 11.91
CA GLN A 648 -28.31 4.47 13.00
C GLN A 648 -29.77 4.10 13.19
N PHE A 649 -30.03 2.82 13.41
CA PHE A 649 -31.41 2.36 13.60
C PHE A 649 -31.42 1.01 14.29
N ASP A 650 -32.63 0.48 14.43
CA ASP A 650 -32.91 -0.81 15.02
C ASP A 650 -34.32 -1.16 14.58
N LEU A 651 -34.45 -2.21 13.78
CA LEU A 651 -35.76 -2.61 13.32
C LEU A 651 -35.91 -4.11 13.47
N THR A 652 -37.16 -4.55 13.35
CA THR A 652 -37.47 -5.96 13.45
C THR A 652 -37.91 -6.49 12.09
N TYR A 653 -37.60 -7.75 11.87
CA TYR A 653 -37.96 -8.42 10.62
C TYR A 653 -37.96 -9.90 10.99
N ASN A 654 -39.16 -10.45 11.18
CA ASN A 654 -39.41 -11.84 11.56
C ASN A 654 -38.79 -12.17 12.92
N GLY A 655 -38.59 -11.15 13.75
CA GLY A 655 -38.03 -11.36 15.07
C GLY A 655 -36.61 -10.92 15.35
N CYS A 656 -35.69 -11.15 14.41
CA CYS A 656 -34.29 -10.78 14.61
C CYS A 656 -34.14 -9.27 14.57
N LYS A 657 -33.90 -8.67 15.74
CA LYS A 657 -33.73 -7.22 15.83
C LYS A 657 -32.39 -6.84 15.24
N VAL A 658 -32.42 -6.20 14.09
CA VAL A 658 -31.21 -5.78 13.40
C VAL A 658 -30.95 -4.32 13.71
N ILE A 659 -29.70 -4.02 14.08
CA ILE A 659 -29.30 -2.68 14.46
C ILE A 659 -28.27 -2.07 13.53
N ASN A 660 -27.92 -0.83 13.81
CA ASN A 660 -26.92 -0.03 13.12
C ASN A 660 -26.55 1.14 14.02
N PRO A 661 -25.28 1.33 14.35
CA PRO A 661 -24.89 2.48 15.16
C PRO A 661 -24.50 3.66 14.29
N GLY A 662 -24.31 3.43 12.99
CA GLY A 662 -23.93 4.48 12.07
C GLY A 662 -22.52 4.98 12.32
N SER A 663 -22.28 6.22 11.90
CA SER A 663 -20.98 6.85 12.10
C SER A 663 -20.77 7.23 13.57
N PHE A 664 -19.66 7.90 13.83
CA PHE A 664 -19.33 8.28 15.20
C PHE A 664 -18.81 9.70 15.36
N ILE A 665 -18.20 10.31 14.35
CA ILE A 665 -17.60 11.64 14.51
C ILE A 665 -18.41 12.74 13.82
N ASN A 667 -18.62 12.63 12.50
CA ASN A 667 -19.34 13.71 11.84
C ASN A 667 -20.83 13.74 12.16
N ARG A 668 -21.34 12.73 12.88
CA ARG A 668 -22.73 12.74 13.33
C ARG A 668 -22.85 13.34 14.71
N ARG A 669 -21.94 14.27 15.06
CA ARG A 669 -21.86 14.99 16.34
C ARG A 669 -21.83 14.11 17.59
N ALA A 670 -20.98 13.09 17.56
CA ALA A 670 -20.65 12.17 18.66
C ALA A 670 -21.85 11.42 19.25
N ARG A 671 -22.33 10.42 18.49
CA ARG A 671 -23.45 9.59 18.90
C ARG A 671 -23.01 8.14 19.11
N TYR A 672 -23.66 7.43 20.03
CA TYR A 672 -23.33 6.02 20.24
C TYR A 672 -24.57 5.31 20.77
N MET A 673 -24.47 3.98 20.88
CA MET A 673 -25.60 3.14 21.28
C MET A 673 -25.35 2.25 22.48
N GLU A 674 -26.44 1.90 23.16
CA GLU A 674 -26.44 1.02 24.32
C GLU A 674 -27.62 0.08 24.18
N TYR A 675 -27.33 -1.23 24.19
CA TYR A 675 -28.34 -2.26 24.03
C TYR A 675 -28.50 -3.12 25.28
N VAL A 676 -29.76 -3.39 25.60
CA VAL A 676 -30.21 -4.21 26.72
C VAL A 676 -30.63 -5.57 26.16
N PRO A 677 -29.91 -6.64 26.48
CA PRO A 677 -30.27 -7.96 25.96
C PRO A 677 -31.52 -8.57 26.54
N SER A 678 -31.79 -8.36 27.83
CA SER A 678 -32.96 -8.97 28.46
C SER A 678 -34.25 -8.38 27.90
N SER A 679 -34.47 -7.10 28.13
CA SER A 679 -35.65 -6.45 27.64
C SER A 679 -35.49 -6.00 26.20
N LYS A 680 -34.31 -6.25 25.61
CA LYS A 680 -33.97 -5.93 24.23
C LYS A 680 -34.16 -4.44 23.95
N LYS A 681 -33.81 -3.63 24.93
CA LYS A 681 -33.98 -2.19 24.80
C LYS A 681 -32.85 -1.60 24.00
N THR A 682 -33.13 -0.53 23.29
CA THR A 682 -32.13 0.11 22.45
C THR A 682 -32.17 1.61 22.71
N ILE A 683 -31.10 2.16 23.26
CA ILE A 683 -31.07 3.60 23.57
C ILE A 683 -29.87 4.26 22.90
N GLN A 684 -30.14 5.46 22.39
CA GLN A 684 -29.14 6.29 21.73
C GLN A 684 -28.61 7.26 22.77
N GLU A 685 -27.32 7.58 22.70
CA GLU A 685 -26.72 8.54 23.61
C GLU A 685 -25.81 9.46 22.82
N GLU A 686 -26.11 10.75 22.88
CA GLU A 686 -25.40 11.81 22.16
C GLU A 686 -24.96 12.89 23.13
N ILE A 687 -23.80 13.49 22.85
CA ILE A 687 -23.28 14.55 23.69
C ILE A 687 -23.45 15.93 23.07
N TYR A 688 -23.78 16.01 21.78
CA TYR A 688 -23.90 17.29 21.13
C TYR A 688 -25.12 17.31 20.23
N SER B 1 -15.69 42.11 7.26
CA SER B 1 -14.96 40.95 6.77
C SER B 1 -14.30 41.25 5.43
N MET B 2 -14.04 42.53 5.19
CA MET B 2 -13.40 42.97 3.95
C MET B 2 -12.65 44.26 4.26
N ILE B 3 -12.02 44.84 3.24
CA ILE B 3 -11.28 46.07 3.50
C ILE B 3 -11.77 47.19 2.61
N ARG B 4 -11.64 47.04 1.31
CA ARG B 4 -12.05 48.11 0.41
C ARG B 4 -13.14 47.64 -0.54
N LYS B 5 -13.63 48.58 -1.34
CA LYS B 5 -14.70 48.33 -2.30
C LYS B 5 -14.18 48.13 -3.73
N GLN B 6 -12.86 48.04 -3.92
CA GLN B 6 -12.28 47.84 -5.25
C GLN B 6 -12.19 46.35 -5.55
N ALA B 7 -13.32 45.78 -5.99
CA ALA B 7 -13.40 44.36 -6.33
C ALA B 7 -12.77 44.04 -7.67
N GLU B 8 -12.14 45.01 -8.31
CA GLU B 8 -11.49 44.86 -9.58
C GLU B 8 -10.09 45.45 -9.55
N SER B 9 -9.78 46.28 -8.56
CA SER B 9 -8.47 46.88 -8.41
C SER B 9 -7.88 46.23 -7.17
N TYR B 10 -7.29 45.06 -7.37
CA TYR B 10 -6.68 44.30 -6.29
C TYR B 10 -5.45 44.99 -5.73
N ALA B 11 -5.31 44.95 -4.41
CA ALA B 11 -4.17 45.54 -3.77
C ALA B 11 -2.97 44.65 -4.06
N ASN B 12 -1.81 45.26 -4.25
CA ASN B 12 -0.61 44.51 -4.59
C ASN B 12 -0.14 43.69 -3.40
N SER B 13 -0.79 42.55 -3.18
CA SER B 13 -0.45 41.68 -2.08
C SER B 13 -0.02 40.31 -2.60
N THR B 14 0.94 39.71 -1.92
CA THR B 14 1.43 38.40 -2.32
C THR B 14 1.21 37.43 -1.18
N TRP B 15 0.60 36.28 -1.45
CA TRP B 15 0.32 35.35 -0.38
C TRP B 15 1.55 34.55 0.03
N GLU B 16 1.56 34.10 1.29
CA GLU B 16 2.66 33.31 1.83
C GLU B 16 2.21 31.96 2.37
N VAL B 17 1.29 31.94 3.33
CA VAL B 17 0.79 30.72 3.92
C VAL B 17 -0.72 30.79 3.95
N LEU B 18 -1.32 29.67 4.34
CA LEU B 18 -2.77 29.59 4.48
C LEU B 18 -3.09 28.41 5.39
N GLN B 19 -3.56 28.72 6.59
CA GLN B 19 -3.92 27.72 7.59
C GLN B 19 -5.43 27.74 7.76
N TYR B 20 -6.03 26.56 7.72
CA TYR B 20 -7.46 26.42 7.84
C TYR B 20 -7.85 25.97 9.22
N LYS B 21 -8.79 26.67 9.82
CA LYS B 21 -9.31 26.34 11.13
C LYS B 21 -10.75 25.99 10.84
N ASP B 22 -10.95 24.73 10.42
CA ASP B 22 -12.25 24.24 10.02
C ASP B 22 -13.21 24.07 11.19
N SER B 23 -12.70 23.93 12.42
CA SER B 23 -13.56 23.72 13.58
C SER B 23 -14.44 24.93 13.89
N GLY B 24 -14.05 26.12 13.44
CA GLY B 24 -14.87 27.30 13.70
C GLY B 24 -16.12 27.28 12.84
N GLU B 25 -15.94 27.16 11.53
CA GLU B 25 -17.01 27.11 10.54
C GLU B 25 -16.53 26.22 9.40
N PRO B 26 -17.43 25.54 8.70
CA PRO B 26 -17.00 24.67 7.60
C PRO B 26 -16.55 25.49 6.40
N GLY B 27 -15.41 25.11 5.84
CA GLY B 27 -14.87 25.79 4.67
C GLY B 27 -14.46 27.22 4.89
N VAL B 28 -13.81 27.52 6.01
CA VAL B 28 -13.37 28.87 6.35
C VAL B 28 -11.91 28.82 6.74
N LEU B 29 -11.07 29.61 6.08
CA LEU B 29 -9.65 29.64 6.37
C LEU B 29 -9.14 31.08 6.32
N GLU B 30 -7.86 31.25 6.61
CA GLU B 30 -7.21 32.55 6.59
C GLU B 30 -5.92 32.47 5.80
N VAL B 31 -5.58 33.56 5.12
CA VAL B 31 -4.38 33.65 4.30
C VAL B 31 -3.57 34.84 4.76
N PHE B 32 -2.26 34.69 4.85
CA PHE B 32 -1.36 35.75 5.25
C PHE B 32 -0.58 36.22 4.03
N VAL B 33 -0.71 37.51 3.71
CA VAL B 33 -0.08 38.09 2.54
C VAL B 33 0.89 39.21 2.91
N THR B 34 1.47 39.84 1.89
CA THR B 34 2.39 40.96 2.04
C THR B 34 1.98 42.08 1.10
N ILE B 35 2.12 43.30 1.59
CA ILE B 35 1.77 44.55 0.92
C ILE B 35 2.91 45.51 1.24
N ASN B 36 2.75 46.80 0.94
CA ASN B 36 3.75 47.83 1.27
C ASN B 36 4.03 47.86 2.76
N GLY B 37 3.07 47.46 3.59
CA GLY B 37 3.26 47.35 5.02
C GLY B 37 3.98 46.04 5.30
N LYS B 38 3.78 45.52 6.50
CA LYS B 38 4.46 44.27 6.84
C LYS B 38 3.70 43.02 6.42
N VAL B 39 2.61 42.69 7.13
CA VAL B 39 1.76 41.52 6.85
C VAL B 39 0.36 41.78 7.37
N GLN B 40 -0.59 40.96 6.89
CA GLN B 40 -1.99 41.01 7.28
C GLN B 40 -2.58 39.62 7.07
N ASN B 41 -3.79 39.45 7.56
CA ASN B 41 -4.55 38.23 7.43
C ASN B 41 -5.78 38.52 6.58
N ILE B 42 -6.64 37.51 6.40
CA ILE B 42 -7.83 37.68 5.59
C ILE B 42 -8.87 36.64 6.01
N THR B 43 -10.12 36.89 5.62
CA THR B 43 -11.25 36.02 5.90
C THR B 43 -11.72 35.46 4.56
N PHE B 44 -11.42 34.19 4.30
CA PHE B 44 -11.80 33.54 3.06
C PHE B 44 -12.66 32.31 3.33
N HIS B 45 -13.70 32.13 2.51
CA HIS B 45 -14.61 30.99 2.58
C HIS B 45 -15.11 30.75 1.16
N ILE B 46 -14.43 29.83 0.47
CA ILE B 46 -14.68 29.47 -0.93
C ILE B 46 -15.47 28.17 -1.00
N PRO B 47 -16.40 28.03 -1.94
CA PRO B 47 -17.18 26.80 -2.04
C PRO B 47 -16.51 25.70 -2.85
N LYS B 48 -16.97 24.47 -2.59
CA LYS B 48 -16.48 23.24 -3.21
C LYS B 48 -17.15 23.03 -4.57
N THR B 49 -16.97 21.84 -5.15
CA THR B 49 -17.56 21.48 -6.44
C THR B 49 -17.76 19.97 -6.48
N ILE B 50 -18.97 19.53 -6.82
CA ILE B 50 -19.24 18.10 -6.88
C ILE B 50 -19.88 17.77 -8.23
N TYR B 51 -20.34 16.53 -8.40
CA TYR B 51 -20.97 16.07 -9.62
C TYR B 51 -22.34 15.50 -9.31
N MET B 52 -23.38 16.04 -9.95
CA MET B 52 -24.76 15.62 -9.76
C MET B 52 -25.47 15.23 -11.06
N LYS B 53 -25.41 16.11 -12.07
CA LYS B 53 -25.95 16.08 -13.44
C LYS B 53 -27.48 16.28 -13.48
N PHE B 54 -28.17 16.24 -12.35
CA PHE B 54 -29.60 16.45 -12.38
C PHE B 54 -29.97 17.57 -11.43
N LYS B 55 -30.81 18.48 -11.92
CA LYS B 55 -31.21 19.60 -11.08
C LYS B 55 -32.65 20.03 -11.30
N SER B 56 -33.42 19.32 -12.13
CA SER B 56 -34.81 19.70 -12.37
C SER B 56 -35.66 19.47 -11.15
N GLN B 57 -35.77 18.21 -10.72
CA GLN B 57 -36.54 17.90 -9.53
C GLN B 57 -35.70 18.11 -8.29
N THR B 58 -34.40 18.38 -8.43
CA THR B 58 -33.58 18.61 -7.26
C THR B 58 -33.93 19.93 -6.60
N MET B 59 -34.47 20.88 -7.37
CA MET B 59 -34.92 22.14 -6.76
C MET B 59 -36.15 21.89 -5.89
N PRO B 60 -37.19 21.12 -6.32
CA PRO B 60 -38.27 20.85 -5.37
C PRO B 60 -37.88 19.83 -4.30
N LEU B 61 -36.74 19.15 -4.43
CA LEU B 61 -36.33 18.19 -3.42
C LEU B 61 -35.31 18.78 -2.45
N GLN B 62 -34.23 19.40 -2.95
CA GLN B 62 -33.23 19.97 -2.05
C GLN B 62 -33.05 21.46 -2.13
N LYS B 63 -33.55 22.14 -3.18
CA LYS B 63 -33.53 23.60 -3.32
C LYS B 63 -32.11 24.16 -3.23
N ILE B 64 -31.34 23.89 -4.28
CA ILE B 64 -29.97 24.36 -4.35
C ILE B 64 -29.97 25.88 -4.41
N LYS B 65 -29.17 26.50 -3.55
CA LYS B 65 -29.08 27.95 -3.50
C LYS B 65 -28.47 28.53 -4.77
N ASN B 66 -27.62 27.77 -5.46
CA ASN B 66 -27.01 28.23 -6.70
C ASN B 66 -27.16 27.15 -7.76
N CYS B 67 -28.21 27.30 -8.58
CA CYS B 67 -28.57 26.37 -9.66
C CYS B 67 -27.51 26.39 -10.75
N LEU B 68 -26.68 25.37 -10.80
CA LEU B 68 -25.61 25.29 -11.79
C LEU B 68 -25.68 23.96 -12.54
N ILE B 69 -26.15 24.01 -13.78
CA ILE B 69 -26.21 22.83 -14.63
C ILE B 69 -25.17 23.08 -15.70
N GLU B 70 -23.98 22.55 -15.54
CA GLU B 70 -22.95 22.81 -16.53
C GLU B 70 -23.02 21.81 -17.67
N LYS B 71 -22.37 22.18 -18.76
CA LYS B 71 -22.29 21.32 -19.94
C LYS B 71 -21.26 20.25 -19.61
N SER B 72 -21.75 19.04 -19.40
CA SER B 72 -20.90 17.94 -19.00
C SER B 72 -19.90 17.55 -20.07
N SER B 73 -18.66 17.35 -19.63
CA SER B 73 -17.52 16.87 -20.43
C SER B 73 -16.67 15.94 -19.59
N ALA B 74 -17.32 15.22 -18.66
CA ALA B 74 -16.68 14.31 -17.71
C ALA B 74 -16.12 13.09 -18.44
N SER B 75 -14.94 13.25 -19.00
CA SER B 75 -14.27 12.19 -19.75
C SER B 75 -13.46 11.31 -18.80
N LEU B 76 -14.17 10.71 -17.85
CA LEU B 76 -13.54 9.84 -16.87
C LEU B 76 -13.74 8.39 -17.29
N PRO B 77 -12.69 7.65 -17.63
CA PRO B 77 -12.82 6.24 -18.09
C PRO B 77 -13.17 5.18 -17.05
N ASN B 78 -14.47 5.07 -16.77
CA ASN B 78 -14.97 4.09 -15.83
C ASN B 78 -14.84 2.67 -16.37
N ASN B 79 -15.02 1.71 -15.46
CA ASN B 79 -14.98 0.27 -15.72
C ASN B 79 -16.29 -0.30 -16.28
N PRO B 80 -17.53 0.06 -15.76
CA PRO B 80 -18.73 -0.55 -16.35
C PRO B 80 -19.09 -0.03 -17.73
N LYS B 81 -20.23 -0.48 -18.23
CA LYS B 81 -20.75 -0.13 -19.54
C LYS B 81 -21.60 1.15 -19.48
N THR B 82 -21.83 1.70 -20.68
CA THR B 82 -22.56 2.95 -21.00
C THR B 82 -21.82 4.17 -20.46
N SER B 83 -20.57 3.99 -20.01
CA SER B 83 -19.69 5.05 -19.49
C SER B 83 -18.28 4.65 -19.91
N ASN B 84 -17.90 5.05 -21.12
CA ASN B 84 -16.61 4.73 -21.72
C ASN B 84 -16.19 5.89 -22.60
N PRO B 85 -14.87 6.11 -22.78
CA PRO B 85 -14.42 7.21 -23.64
C PRO B 85 -14.70 6.97 -25.11
N GLU B 97 -21.82 20.12 -12.67
CA GLU B 97 -21.29 20.51 -11.37
C GLU B 97 -22.15 21.53 -10.66
N SER B 98 -22.44 21.26 -9.40
CA SER B 98 -23.25 22.13 -8.55
C SER B 98 -22.38 22.72 -7.46
N VAL B 99 -22.34 24.05 -7.39
CA VAL B 99 -21.55 24.81 -6.43
C VAL B 99 -22.47 25.82 -5.78
N PHE B 100 -22.87 25.60 -4.52
CA PHE B 100 -23.76 26.59 -3.93
C PHE B 100 -23.23 27.21 -2.63
N LEU B 101 -22.90 26.40 -1.63
CA LEU B 101 -22.46 26.73 -0.28
C LEU B 101 -22.26 25.38 0.39
N GLU B 102 -21.53 25.36 1.50
CA GLU B 102 -21.23 24.09 2.16
C GLU B 102 -21.50 24.15 3.65
N GLU B 103 -22.72 24.55 4.03
CA GLU B 103 -23.06 24.57 5.44
C GLU B 103 -23.10 23.16 5.98
N LYS B 104 -23.53 22.22 5.15
CA LYS B 104 -23.56 20.81 5.46
C LYS B 104 -23.46 20.14 4.11
N GLU B 105 -23.13 18.88 4.13
CA GLU B 105 -22.99 18.16 2.86
C GLU B 105 -23.86 16.91 2.97
N ASN B 106 -25.15 17.11 2.70
CA ASN B 106 -26.15 16.06 2.73
C ASN B 106 -26.80 16.04 1.35
N CYS B 107 -26.32 15.16 0.48
CA CYS B 107 -26.86 15.06 -0.87
C CYS B 107 -28.11 14.19 -0.86
N THR B 108 -28.66 13.91 -2.03
CA THR B 108 -29.86 13.08 -2.13
C THR B 108 -29.56 11.63 -1.77
N SER B 109 -30.59 10.88 -1.47
CA SER B 109 -30.45 9.48 -1.10
C SER B 109 -31.24 8.53 -1.99
N ILE B 110 -32.02 9.04 -2.93
CA ILE B 110 -32.84 8.24 -3.85
C ILE B 110 -32.41 8.54 -5.28
N PHE B 111 -31.10 8.71 -5.45
CA PHE B 111 -30.40 9.07 -6.70
C PHE B 111 -30.95 8.44 -7.99
N ASN B 112 -31.10 9.32 -8.97
CA ASN B 112 -31.56 9.09 -10.33
C ASN B 112 -31.30 10.41 -11.04
N ASP B 113 -31.02 10.38 -12.35
CA ASP B 113 -30.71 11.64 -13.02
C ASP B 113 -31.44 11.91 -14.33
N GLU B 114 -32.31 10.99 -14.80
CA GLU B 114 -33.06 11.12 -16.06
C GLU B 114 -32.08 11.33 -17.21
N ASN B 115 -30.99 10.56 -17.17
CA ASN B 115 -29.88 10.62 -18.11
C ASN B 115 -29.37 9.22 -18.39
N VAL B 116 -28.10 9.13 -18.76
CA VAL B 116 -27.34 7.92 -19.05
C VAL B 116 -27.47 6.95 -17.87
N LEU B 117 -27.42 5.64 -18.14
CA LEU B 117 -27.57 4.59 -17.13
C LEU B 117 -26.37 4.57 -16.19
N GLY B 118 -26.50 5.25 -15.06
CA GLY B 118 -25.40 5.28 -14.10
C GLY B 118 -25.70 6.11 -12.87
N VAL B 119 -24.81 5.99 -11.89
CA VAL B 119 -24.86 6.69 -10.62
C VAL B 119 -23.47 7.27 -10.37
N PHE B 120 -23.41 8.58 -10.18
CA PHE B 120 -22.15 9.30 -10.03
C PHE B 120 -21.60 9.34 -8.60
N GLU B 121 -20.31 9.71 -8.52
CA GLU B 121 -19.59 9.87 -7.26
C GLU B 121 -19.81 11.25 -6.68
N GLY B 122 -19.33 12.26 -7.39
CA GLY B 122 -19.47 13.63 -6.95
C GLY B 122 -18.47 14.20 -5.97
N THR B 123 -17.20 14.36 -6.37
CA THR B 123 -16.18 14.96 -5.51
C THR B 123 -14.99 15.43 -6.36
N ILE B 124 -14.38 16.56 -5.97
CA ILE B 124 -13.19 17.03 -6.70
C ILE B 124 -11.99 17.26 -5.76
N THR B 125 -12.18 17.89 -4.55
CA THR B 125 -11.14 18.20 -3.56
C THR B 125 -11.71 18.75 -2.25
N PRO B 126 -11.05 18.51 -1.09
CA PRO B 126 -11.55 19.05 0.19
C PRO B 126 -10.83 20.31 0.66
N HIS B 127 -9.73 20.61 0.00
CA HIS B 127 -8.88 21.76 0.24
C HIS B 127 -8.40 22.03 -1.16
N GLN B 128 -7.18 22.55 -1.32
CA GLN B 128 -6.54 22.87 -2.59
C GLN B 128 -7.31 23.96 -3.30
N ARG B 129 -7.95 24.81 -2.48
CA ARG B 129 -8.69 25.93 -3.01
C ARG B 129 -7.73 26.97 -3.56
N ALA B 130 -6.48 26.91 -3.11
CA ALA B 130 -5.42 27.82 -3.52
C ALA B 130 -4.85 27.43 -4.88
N ILE B 131 -5.74 27.35 -5.88
CA ILE B 131 -5.35 27.05 -7.24
C ILE B 131 -6.15 28.03 -8.09
N MET B 132 -5.53 29.13 -8.48
CA MET B 132 -6.23 30.14 -9.28
C MET B 132 -5.45 30.55 -10.51
N LEU B 161 -15.32 34.15 -4.85
CA LEU B 161 -15.90 35.47 -5.04
C LEU B 161 -14.80 36.50 -5.20
N SER B 162 -13.64 36.18 -4.65
CA SER B 162 -12.51 37.09 -4.71
C SER B 162 -11.90 37.13 -6.12
N MET B 163 -10.84 37.90 -6.26
CA MET B 163 -10.13 38.10 -7.51
C MET B 163 -8.92 37.19 -7.62
N ALA B 164 -8.40 37.08 -8.84
CA ALA B 164 -7.20 36.31 -9.13
C ALA B 164 -6.01 37.25 -8.97
N GLU B 165 -4.82 36.83 -9.40
CA GLU B 165 -3.66 37.71 -9.26
C GLU B 165 -2.85 37.81 -10.55
N ASN B 166 -1.65 38.39 -10.47
CA ASN B 166 -0.78 38.51 -11.64
C ASN B 166 0.09 37.28 -11.79
N GLU B 167 0.41 36.64 -10.66
CA GLU B 167 1.17 35.39 -10.56
C GLU B 167 2.55 35.43 -11.20
N ARG B 168 3.23 36.58 -11.14
CA ARG B 168 4.56 36.68 -11.73
C ARG B 168 5.45 37.56 -10.87
N TYR B 169 6.74 37.20 -10.84
CA TYR B 169 7.80 37.93 -10.14
C TYR B 169 7.51 38.06 -8.64
N LEU B 170 7.69 36.92 -7.95
CA LEU B 170 7.48 36.85 -6.50
C LEU B 170 8.43 37.80 -5.82
N SER B 171 9.72 37.45 -5.86
CA SER B 171 10.86 38.20 -5.31
C SER B 171 10.59 38.72 -3.89
N GLY B 172 10.39 37.77 -2.99
CA GLY B 172 10.06 38.05 -1.61
C GLY B 172 11.19 38.54 -0.74
N PHE B 173 11.50 39.84 -0.83
CA PHE B 173 12.57 40.43 -0.03
C PHE B 173 12.23 40.50 1.45
N SER B 174 12.07 39.36 2.10
CA SER B 174 11.77 39.34 3.51
C SER B 174 13.05 39.68 4.26
N MET B 175 12.90 40.38 5.38
CA MET B 175 14.09 40.78 6.13
C MET B 175 14.61 39.68 7.05
N ASP B 176 13.84 39.30 8.07
CA ASP B 176 14.29 38.29 9.00
C ASP B 176 13.35 37.09 9.05
N ILE B 177 13.76 36.13 9.87
CA ILE B 177 13.07 34.85 10.07
C ILE B 177 13.25 34.38 11.50
N GLY B 178 12.50 33.35 11.85
CA GLY B 178 12.60 32.71 13.15
C GLY B 178 13.12 31.32 12.89
N TYR B 179 13.95 30.82 13.80
CA TYR B 179 14.56 29.51 13.58
C TYR B 179 14.43 28.68 14.85
N LEU B 180 13.32 27.98 14.99
CA LEU B 180 13.10 27.13 16.14
C LEU B 180 13.45 25.71 15.77
N LEU B 181 13.99 24.97 16.73
CA LEU B 181 14.36 23.59 16.46
C LEU B 181 14.06 22.77 17.70
N HIS B 182 13.77 21.48 17.47
CA HIS B 182 13.52 20.51 18.53
C HIS B 182 14.14 19.20 18.06
N PHE B 183 14.59 18.39 18.99
CA PHE B 183 15.17 17.11 18.61
C PHE B 183 15.00 16.08 19.69
N PRO B 184 14.05 15.18 19.55
CA PRO B 184 13.91 14.08 20.52
C PRO B 184 15.02 13.09 20.26
N THR B 185 15.32 12.30 21.29
CA THR B 185 16.39 11.33 21.21
C THR B 185 15.99 10.09 21.98
N SER B 186 16.56 8.94 21.60
CA SER B 186 16.29 7.70 22.31
C SER B 186 16.82 7.81 23.73
N ILE B 187 18.00 8.38 23.88
CA ILE B 187 18.59 8.66 25.18
C ILE B 187 17.96 9.95 25.67
N GLY B 188 18.06 10.26 26.95
CA GLY B 188 17.44 11.47 27.42
C GLY B 188 18.13 12.78 27.07
N TYR B 189 18.36 13.03 25.79
CA TYR B 189 18.99 14.29 25.39
C TYR B 189 17.97 15.39 25.28
N GLU B 190 17.04 15.28 24.32
CA GLU B 190 15.93 16.19 24.06
C GLU B 190 16.39 17.65 23.90
N PHE B 191 17.11 17.89 22.83
CA PHE B 191 17.68 19.20 22.54
C PHE B 191 16.64 20.08 21.86
N PHE B 192 16.35 21.24 22.46
CA PHE B 192 15.39 22.19 21.90
C PHE B 192 16.16 23.49 21.66
N SER B 193 16.88 23.57 20.54
CA SER B 193 17.67 24.75 20.24
C SER B 193 16.90 25.78 19.43
N LEU B 194 17.36 27.03 19.50
CA LEU B 194 16.74 28.13 18.79
C LEU B 194 17.66 29.34 18.77
N PHE B 195 17.56 30.10 17.70
CA PHE B 195 18.29 31.35 17.55
C PHE B 195 17.53 32.15 16.51
N LYS B 196 17.91 33.41 16.36
CA LYS B 196 17.26 34.29 15.41
C LYS B 196 18.29 35.25 14.86
N SER B 197 17.79 36.36 14.35
CA SER B 197 18.57 37.46 13.85
C SER B 197 18.46 38.65 14.81
N TRP B 198 18.20 38.35 16.08
CA TRP B 198 18.00 39.36 17.11
C TRP B 198 19.04 39.33 18.22
N GLY B 199 19.14 38.21 18.93
CA GLY B 199 20.05 38.08 20.04
C GLY B 199 21.32 37.33 19.69
N ASP B 200 22.00 36.86 20.72
CA ASP B 200 23.26 36.14 20.61
C ASP B 200 23.29 34.92 21.52
N THR B 201 22.28 34.05 21.43
CA THR B 201 22.26 32.88 22.28
C THR B 201 21.51 31.71 21.66
N ILE B 202 21.73 30.55 22.27
CA ILE B 202 21.13 29.27 21.95
C ILE B 202 20.57 28.74 23.26
N THR B 203 19.91 27.59 23.22
CA THR B 203 19.36 27.04 24.47
C THR B 203 19.20 25.53 24.34
N ILE B 204 19.56 24.81 25.39
CA ILE B 204 19.39 23.35 25.48
C ILE B 204 18.81 23.19 26.87
N LEU B 205 17.50 23.07 26.96
CA LEU B 205 16.83 23.06 28.26
C LEU B 205 16.91 21.78 29.08
N VAL B 206 16.24 20.73 28.65
CA VAL B 206 16.14 19.50 29.43
C VAL B 206 17.13 18.46 28.95
N LEU B 207 17.41 17.49 29.82
CA LEU B 207 18.28 16.32 29.68
C LEU B 207 17.98 15.42 30.87
N LYS B 208 17.66 14.16 30.59
CA LYS B 208 17.27 13.19 31.62
C LYS B 208 18.24 12.62 32.66
N PRO B 209 19.56 12.51 32.46
CA PRO B 209 20.40 11.94 33.54
C PRO B 209 20.44 12.87 34.75
N SER B 210 20.30 12.25 35.94
CA SER B 210 20.26 12.99 37.20
C SER B 210 21.52 13.80 37.45
N ASN B 211 22.67 13.31 37.02
CA ASN B 211 23.92 14.02 37.20
C ASN B 211 24.74 13.98 35.92
N GLN B 212 24.13 14.38 34.82
CA GLN B 212 24.81 14.40 33.53
C GLN B 212 25.91 15.45 33.56
N ALA B 213 27.08 15.06 33.07
CA ALA B 213 28.23 15.95 33.00
C ALA B 213 28.58 16.14 31.54
N GLN B 214 28.14 17.26 30.97
CA GLN B 214 28.47 17.54 29.58
C GLN B 214 29.94 17.88 29.48
N GLU B 215 30.54 17.60 28.33
CA GLU B 215 31.96 17.84 28.11
C GLU B 215 32.31 19.32 28.18
N ILE B 216 31.83 20.09 27.21
CA ILE B 216 32.08 21.54 27.14
C ILE B 216 31.09 22.13 26.16
N ASN B 217 30.65 23.33 26.45
CA ASN B 217 29.78 24.08 25.59
C ASN B 217 30.27 25.51 25.43
N ALA B 218 31.00 26.03 26.40
CA ALA B 218 31.53 27.37 26.31
C ALA B 218 32.69 27.44 25.33
N SER B 219 33.43 26.35 25.19
CA SER B 219 34.56 26.32 24.29
C SER B 219 34.37 25.37 23.12
N SER B 220 33.32 24.56 23.13
CA SER B 220 33.10 23.63 22.02
C SER B 220 32.63 24.32 20.75
N LEU B 221 32.17 25.57 20.85
CA LEU B 221 31.71 26.27 19.67
C LEU B 221 32.65 27.39 19.24
N GLY B 222 32.98 28.31 20.15
CA GLY B 222 33.84 29.43 19.81
C GLY B 222 35.25 29.04 19.39
N GLN B 223 35.82 28.03 20.05
CA GLN B 223 37.16 27.62 19.68
C GLN B 223 37.18 26.79 18.41
N ILE B 224 36.04 26.24 18.02
CA ILE B 224 35.93 25.42 16.81
C ILE B 224 34.94 26.14 15.91
N TYR B 225 34.99 27.47 15.94
CA TYR B 225 34.11 28.31 15.14
C TYR B 225 34.70 28.61 13.77
N LYS B 226 35.88 29.23 13.76
CA LYS B 226 36.59 29.67 12.55
C LYS B 226 36.92 28.58 11.55
N GLN B 227 36.83 27.29 11.92
CA GLN B 227 37.13 26.22 10.96
C GLN B 227 36.10 26.22 9.85
N MET B 228 34.84 26.00 10.20
CA MET B 228 33.79 26.05 9.18
C MET B 228 33.50 27.49 8.79
N PHE B 229 33.75 28.43 9.72
CA PHE B 229 33.52 29.83 9.42
C PHE B 229 34.46 30.34 8.35
N GLU B 230 35.64 29.72 8.19
CA GLU B 230 36.55 30.12 7.13
C GLU B 230 35.91 29.85 5.78
N LYS B 231 35.05 28.84 5.72
CA LYS B 231 34.28 28.50 4.54
C LYS B 231 32.87 29.08 4.59
N LYS B 232 32.32 29.22 5.80
CA LYS B 232 30.98 29.77 5.95
C LYS B 232 30.96 31.25 5.59
N LYS B 233 31.98 32.01 6.04
CA LYS B 233 32.05 33.44 5.75
C LYS B 233 32.13 33.68 4.26
N GLY B 234 32.87 32.83 3.54
CA GLY B 234 32.93 32.94 2.10
C GLY B 234 31.57 32.68 1.49
N LYS B 235 30.82 31.75 2.08
CA LYS B 235 29.47 31.49 1.62
C LYS B 235 28.58 32.66 2.01
N ILE B 236 28.88 33.28 3.16
CA ILE B 236 28.16 34.46 3.58
C ILE B 236 28.60 35.62 2.70
N GLU B 237 29.86 35.61 2.27
CA GLU B 237 30.32 36.65 1.35
C GLU B 237 29.62 36.52 0.01
N THR B 238 29.30 35.30 -0.39
CA THR B 238 28.56 35.08 -1.62
C THR B 238 27.07 35.19 -1.42
N TYR B 239 26.58 35.00 -0.20
CA TYR B 239 25.17 35.11 0.09
C TYR B 239 25.04 36.01 1.31
N SER B 240 25.12 37.31 1.07
CA SER B 240 25.02 38.32 2.13
C SER B 240 23.77 39.14 2.01
N TYR B 241 23.33 39.39 0.79
CA TYR B 241 22.13 40.15 0.50
C TYR B 241 20.88 39.32 0.66
N LEU B 242 20.98 38.15 1.26
CA LEU B 242 19.87 37.27 1.46
C LEU B 242 19.30 37.51 2.85
N VAL B 243 20.16 37.43 3.84
CA VAL B 243 19.74 37.65 5.22
C VAL B 243 20.43 38.93 5.63
N ASP B 244 19.68 39.82 6.30
CA ASP B 244 20.23 41.10 6.71
C ASP B 244 21.29 40.96 7.78
N ILE B 245 21.16 39.99 8.69
CA ILE B 245 22.15 39.86 9.75
C ILE B 245 22.83 38.50 9.81
N LYS B 246 24.14 38.51 9.67
CA LYS B 246 25.04 37.37 9.75
C LYS B 246 26.33 37.94 10.32
N GLU B 247 26.64 37.61 11.56
CA GLU B 247 27.81 38.18 12.23
C GLU B 247 28.55 37.07 12.95
N ASP B 248 29.42 37.50 13.86
CA ASP B 248 30.20 36.59 14.69
C ASP B 248 29.22 35.89 15.60
N ILE B 249 28.88 34.66 15.25
CA ILE B 249 27.91 33.87 15.98
C ILE B 249 28.46 33.47 17.35
N ASN B 250 27.96 34.12 18.39
CA ASN B 250 28.31 33.87 19.78
C ASN B 250 27.03 33.46 20.49
N PHE B 251 27.10 32.44 21.32
CA PHE B 251 25.92 31.96 21.99
C PHE B 251 26.02 32.10 23.51
N GLU B 252 25.00 31.55 24.18
CA GLU B 252 24.93 31.57 25.64
C GLU B 252 24.00 30.41 26.03
N PHE B 253 24.59 29.30 26.45
CA PHE B 253 23.79 28.13 26.82
C PHE B 253 23.10 28.31 28.17
N VAL B 254 22.02 27.55 28.36
CA VAL B 254 21.22 27.56 29.58
C VAL B 254 20.43 26.27 29.62
N TYR B 255 20.41 25.60 30.77
CA TYR B 255 19.70 24.33 30.90
C TYR B 255 18.73 24.34 32.07
N PHE B 256 17.74 23.45 31.99
CA PHE B 256 16.72 23.29 33.03
C PHE B 256 16.07 21.93 32.84
N THR B 257 16.31 21.01 33.78
CA THR B 257 15.75 19.66 33.70
C THR B 257 14.40 19.61 34.42
N ASP B 258 13.33 19.55 33.62
CA ASP B 258 11.95 19.48 34.10
C ASP B 258 11.09 18.92 32.98
N ILE B 259 10.17 18.00 33.32
CA ILE B 259 9.31 17.37 32.32
C ILE B 259 8.22 18.30 31.81
N SER B 260 7.65 19.14 32.66
CA SER B 260 6.60 20.02 32.18
C SER B 260 7.11 21.39 31.81
N LYS B 261 8.09 21.92 32.54
CA LYS B 261 8.65 23.23 32.25
C LYS B 261 9.50 23.26 31.00
N LEU B 262 9.84 22.10 30.42
CA LEU B 262 10.63 22.09 29.19
C LEU B 262 9.83 22.71 28.06
N TYR B 263 8.53 22.48 28.05
CA TYR B 263 7.60 22.99 27.07
C TYR B 263 6.88 24.22 27.59
N ARG B 264 6.69 24.29 28.91
CA ARG B 264 6.01 25.41 29.51
C ARG B 264 6.82 26.69 29.40
N ARG B 265 8.08 26.66 29.85
CA ARG B 265 8.92 27.85 29.79
C ARG B 265 9.28 28.20 28.35
N LEU B 266 9.47 27.17 27.51
CA LEU B 266 9.79 27.40 26.10
C LEU B 266 8.69 28.17 25.39
N SER B 267 7.45 27.88 25.76
CA SER B 267 6.32 28.60 25.18
C SER B 267 6.36 30.05 25.59
N GLN B 268 6.76 30.31 26.84
CA GLN B 268 6.86 31.67 27.33
C GLN B 268 7.97 32.42 26.64
N GLU B 269 9.06 31.73 26.32
CA GLU B 269 10.18 32.35 25.63
C GLU B 269 9.82 32.75 24.22
N THR B 270 8.93 31.99 23.59
CA THR B 270 8.49 32.34 22.26
C THR B 270 7.54 33.52 22.30
N THR B 271 6.78 33.66 23.39
CA THR B 271 5.87 34.80 23.54
C THR B 271 6.64 36.09 23.73
N LYS B 272 7.92 35.99 24.14
CA LYS B 272 8.74 37.18 24.26
C LYS B 272 8.97 37.72 22.87
N LEU B 273 9.06 36.83 21.89
CA LEU B 273 9.17 37.27 20.50
C LEU B 273 7.84 37.80 20.04
N LYS B 274 6.76 37.28 20.62
CA LYS B 274 5.43 37.79 20.32
C LYS B 274 5.27 39.17 20.95
N GLU B 275 6.13 39.49 21.90
CA GLU B 275 6.19 40.79 22.55
C GLU B 275 7.25 41.66 21.92
N GLU B 276 8.43 41.10 21.64
CA GLU B 276 9.51 41.87 21.03
C GLU B 276 9.20 42.16 19.57
N ARG B 277 9.08 41.12 18.75
CA ARG B 277 8.79 41.34 17.35
C ARG B 277 7.33 41.73 17.16
N GLY B 278 6.42 41.06 17.85
CA GLY B 278 5.01 41.38 17.75
C GLY B 278 4.23 40.70 16.66
N LEU B 279 4.36 39.36 16.56
CA LEU B 279 3.68 38.54 15.54
C LEU B 279 3.97 39.05 14.14
N GLN B 280 5.24 39.21 13.84
CA GLN B 280 5.59 39.76 12.54
C GLN B 280 6.45 38.86 11.68
N PHE B 281 7.59 38.41 12.19
CA PHE B 281 8.44 37.60 11.35
C PHE B 281 8.12 36.14 11.45
N LEU B 282 8.29 35.46 10.32
CA LEU B 282 8.01 34.05 10.20
C LEU B 282 9.02 33.24 11.00
N LEU B 283 8.51 32.16 11.58
CA LEU B 283 9.28 31.27 12.43
C LEU B 283 9.50 29.97 11.67
N LEU B 284 10.60 29.89 10.93
CA LEU B 284 10.91 28.68 10.20
C LEU B 284 11.26 27.59 11.21
N LEU B 285 10.44 26.54 11.25
CA LEU B 285 10.75 25.44 12.16
C LEU B 285 11.90 24.74 11.45
N GLN B 286 13.10 24.87 12.02
CA GLN B 286 14.33 24.36 11.44
C GLN B 286 14.36 22.88 11.10
N SER B 287 14.30 22.03 12.11
CA SER B 287 14.32 20.58 11.88
C SER B 287 13.20 19.93 12.67
N PRO B 288 11.94 20.16 12.29
CA PRO B 288 10.87 19.54 13.06
C PRO B 288 10.70 18.06 12.73
N PHE B 289 11.24 17.22 13.60
CA PHE B 289 11.14 15.78 13.46
C PHE B 289 11.49 15.20 14.81
N ILE B 290 10.71 14.21 15.26
CA ILE B 290 9.60 13.68 14.49
C ILE B 290 8.23 13.89 15.12
N THR B 291 8.02 13.21 16.23
CA THR B 291 6.77 13.21 16.95
C THR B 291 6.53 14.49 17.72
N LYS B 292 7.56 15.28 18.00
CA LYS B 292 7.30 16.52 18.72
C LYS B 292 6.73 17.58 17.81
N LEU B 293 6.79 17.36 16.48
CA LEU B 293 6.15 18.26 15.54
C LEU B 293 4.65 18.21 15.76
N LEU B 294 4.12 16.99 15.74
CA LEU B 294 2.72 16.71 15.95
C LEU B 294 2.28 17.10 17.35
N GLY B 295 3.19 17.02 18.32
CA GLY B 295 2.87 17.37 19.68
C GLY B 295 3.07 18.81 20.06
N THR B 296 3.73 19.61 19.23
CA THR B 296 3.94 21.01 19.57
C THR B 296 2.66 21.78 19.29
N ILE B 297 2.20 22.54 20.29
CA ILE B 297 1.00 23.35 20.24
C ILE B 297 1.46 24.73 20.67
N ARG B 298 0.50 25.65 20.90
CA ARG B 298 0.63 27.02 21.40
C ARG B 298 1.27 27.99 20.41
N LEU B 299 1.82 27.52 19.30
CA LEU B 299 2.41 28.47 18.36
C LEU B 299 1.30 29.12 17.53
N LEU B 300 0.67 28.33 16.66
CA LEU B 300 -0.45 28.70 15.79
C LEU B 300 -0.22 30.03 15.08
N ASN B 301 0.85 30.07 14.29
CA ASN B 301 1.23 31.29 13.61
C ASN B 301 1.79 30.93 12.24
N GLN B 302 2.57 31.84 11.68
CA GLN B 302 3.19 31.65 10.37
C GLN B 302 4.24 30.58 10.54
N MET B 303 3.91 29.35 10.18
CA MET B 303 4.94 28.37 10.46
C MET B 303 5.12 27.26 9.44
N PRO B 304 6.32 27.13 8.89
CA PRO B 304 6.60 26.07 7.92
C PRO B 304 7.22 24.85 8.61
N ILE B 305 7.46 23.82 7.81
CA ILE B 305 8.06 22.57 8.25
C ILE B 305 9.11 22.18 7.22
N VAL B 306 10.28 21.74 7.66
CA VAL B 306 11.37 21.39 6.76
C VAL B 306 11.58 19.88 6.66
N LYS B 307 11.32 19.13 7.74
CA LYS B 307 11.46 17.67 7.80
C LYS B 307 12.88 17.20 7.51
N LEU B 308 13.78 17.34 8.47
CA LEU B 308 15.17 16.91 8.30
C LEU B 308 15.28 15.39 8.35
N SER B 309 16.50 14.91 8.57
CA SER B 309 16.84 13.48 8.59
C SER B 309 16.10 12.65 9.64
N LEU B 310 16.36 11.35 9.62
CA LEU B 310 15.69 10.43 10.53
C LEU B 310 16.05 10.71 11.98
N ASN B 311 17.32 10.57 12.34
CA ASN B 311 17.83 10.82 13.69
C ASN B 311 19.30 11.19 13.67
N GLU B 312 19.94 11.12 14.83
CA GLU B 312 21.35 11.44 15.01
C GLU B 312 22.03 10.26 15.66
N VAL B 313 23.25 10.46 16.15
CA VAL B 313 24.03 9.41 16.79
C VAL B 313 23.36 8.98 18.10
N LEU B 314 22.77 7.78 18.11
CA LEU B 314 22.09 7.21 19.27
C LEU B 314 23.05 6.31 20.05
N LEU B 315 24.14 6.93 20.47
CA LEU B 315 25.26 6.36 21.20
C LEU B 315 25.55 7.39 22.28
N PRO B 316 26.44 7.13 23.26
CA PRO B 316 26.76 8.18 24.23
C PRO B 316 27.37 9.39 23.54
N GLN B 317 26.89 10.56 23.95
CA GLN B 317 27.24 11.85 23.37
C GLN B 317 28.60 12.37 23.76
N LEU B 318 29.52 11.51 24.20
CA LEU B 318 30.88 11.88 24.59
C LEU B 318 31.67 12.60 23.49
N ASN B 319 31.29 12.41 22.22
CA ASN B 319 31.94 13.10 21.10
C ASN B 319 30.97 14.19 20.67
N TRP B 320 31.06 15.34 21.33
CA TRP B 320 30.14 16.42 20.99
C TRP B 320 30.52 17.16 19.71
N GLN B 321 31.80 17.23 19.39
CA GLN B 321 32.22 17.94 18.18
C GLN B 321 31.83 17.34 16.82
N PRO B 322 31.69 16.00 16.60
CA PRO B 322 31.32 15.60 15.24
C PRO B 322 29.81 15.47 15.04
N THR B 323 29.02 15.50 16.12
CA THR B 323 27.58 15.36 15.97
C THR B 323 26.77 16.61 16.31
N LEU B 324 27.26 17.48 17.19
CA LEU B 324 26.51 18.68 17.50
C LEU B 324 26.99 19.91 16.76
N LEU B 325 28.16 19.86 16.13
CA LEU B 325 28.64 21.04 15.40
C LEU B 325 27.89 21.20 14.09
N LYS B 326 27.96 20.18 13.23
CA LYS B 326 27.28 20.24 11.93
C LYS B 326 25.77 20.34 12.07
N LYS B 327 25.21 19.79 13.15
CA LYS B 327 23.77 19.89 13.32
C LYS B 327 23.39 21.31 13.75
N LEU B 328 24.27 21.99 14.47
CA LEU B 328 23.96 23.33 14.93
C LEU B 328 24.69 24.44 14.19
N VAL B 329 25.99 24.34 13.98
CA VAL B 329 26.72 25.42 13.32
C VAL B 329 26.45 25.44 11.82
N ASN B 330 26.61 24.28 11.16
CA ASN B 330 26.46 24.20 9.72
C ASN B 330 25.04 24.50 9.25
N HIS B 331 24.05 24.34 10.12
CA HIS B 331 22.69 24.65 9.68
C HIS B 331 22.44 26.14 9.61
N VAL B 332 23.29 26.95 10.24
CA VAL B 332 23.14 28.39 10.16
C VAL B 332 23.56 28.86 8.78
N LEU B 333 24.62 28.22 8.26
CA LEU B 333 25.19 28.53 6.95
C LEU B 333 24.16 28.42 5.84
N SER B 334 23.49 27.28 5.74
CA SER B 334 22.53 27.03 4.68
C SER B 334 21.23 27.80 4.80
N SER B 335 21.05 28.70 5.78
CA SER B 335 19.79 29.44 5.89
C SER B 335 19.54 30.29 4.65
N GLY B 336 20.58 30.99 4.19
CA GLY B 336 20.44 31.80 3.00
C GLY B 336 20.21 30.94 1.78
N SER B 337 20.83 29.76 1.76
CA SER B 337 20.63 28.84 0.65
C SER B 337 19.20 28.31 0.66
N TRP B 338 18.65 28.11 1.86
CA TRP B 338 17.27 27.65 1.99
C TRP B 338 16.32 28.66 1.41
N ILE B 339 16.42 29.91 1.88
CA ILE B 339 15.49 30.92 1.38
C ILE B 339 15.75 31.24 -0.09
N SER B 340 16.99 31.12 -0.56
CA SER B 340 17.27 31.39 -1.97
C SER B 340 16.66 30.32 -2.85
N HIS B 341 16.84 29.05 -2.46
CA HIS B 341 16.27 27.95 -3.19
C HIS B 341 14.76 27.98 -3.13
N LEU B 342 14.22 28.50 -2.04
CA LEU B 342 12.77 28.59 -1.91
C LEU B 342 12.20 29.70 -2.76
N ILE B 343 12.85 30.88 -2.80
CA ILE B 343 12.32 31.95 -3.62
C ILE B 343 12.49 31.60 -5.08
N LYS B 344 13.53 30.83 -5.42
CA LYS B 344 13.65 30.40 -6.80
C LYS B 344 12.65 29.29 -7.07
N LEU B 345 12.20 28.62 -6.00
CA LEU B 345 11.21 27.58 -6.12
C LEU B 345 9.82 28.19 -6.17
N SER B 346 9.57 29.17 -5.32
CA SER B 346 8.29 29.86 -5.30
C SER B 346 8.05 30.66 -6.56
N GLN B 347 9.13 31.11 -7.21
CA GLN B 347 9.02 31.85 -8.45
C GLN B 347 8.50 30.96 -9.56
N TYR B 348 8.68 29.65 -9.41
CA TYR B 348 8.20 28.78 -10.46
C TYR B 348 6.69 28.64 -10.50
N SER B 349 6.02 28.24 -9.40
CA SER B 349 4.57 28.13 -9.50
C SER B 349 3.82 28.41 -8.22
N ASN B 350 3.53 29.68 -7.97
CA ASN B 350 2.66 30.19 -6.91
C ASN B 350 2.63 29.66 -5.49
N ILE B 351 3.61 28.92 -4.98
CA ILE B 351 3.48 28.49 -3.60
C ILE B 351 4.82 28.68 -2.90
N PRO B 352 4.91 29.59 -1.92
CA PRO B 352 6.17 29.84 -1.22
C PRO B 352 6.44 29.16 0.10
N ILE B 353 5.43 28.67 0.82
CA ILE B 353 5.71 28.04 2.10
C ILE B 353 5.13 26.63 2.17
N CYS B 354 3.93 26.43 1.64
CA CYS B 354 3.27 25.13 1.64
C CYS B 354 3.99 24.01 0.91
N ASN B 355 5.17 24.29 0.34
CA ASN B 355 5.99 23.32 -0.36
C ASN B 355 6.56 22.32 0.63
N LEU B 356 7.06 21.22 0.10
CA LEU B 356 7.69 20.22 0.95
C LEU B 356 9.14 20.58 1.17
N ARG B 357 9.82 20.90 0.07
CA ARG B 357 11.20 21.35 -0.05
C ARG B 357 12.23 20.59 0.77
N LEU B 358 12.60 19.38 0.35
CA LEU B 358 12.14 18.71 -0.86
C LEU B 358 11.88 17.31 -0.42
N ASP B 359 11.04 17.21 0.61
CA ASP B 359 10.61 15.99 1.28
C ASP B 359 10.30 14.94 0.23
N SER B 360 9.32 15.24 -0.60
CA SER B 360 8.98 14.36 -1.70
C SER B 360 8.57 15.17 -2.92
N MET B 361 8.36 16.49 -2.78
CA MET B 361 7.97 17.50 -3.77
C MET B 361 6.91 17.04 -4.77
N ASP B 362 6.05 16.11 -4.33
CA ASP B 362 4.99 15.60 -5.18
C ASP B 362 3.87 16.61 -5.28
N TYR B 363 3.75 17.41 -4.22
CA TYR B 363 2.73 18.42 -4.16
C TYR B 363 2.97 19.45 -5.24
N ILE B 364 4.24 19.70 -5.56
CA ILE B 364 4.59 20.61 -6.66
C ILE B 364 4.10 20.02 -7.97
N ILE B 365 4.38 18.74 -8.18
CA ILE B 365 4.00 18.06 -9.40
C ILE B 365 2.48 18.00 -9.52
N ASP B 366 1.79 17.79 -8.41
CA ASP B 366 0.34 17.71 -8.49
C ASP B 366 -0.32 19.05 -8.74
N VAL B 367 0.18 20.14 -8.14
CA VAL B 367 -0.44 21.42 -8.43
C VAL B 367 -0.12 21.83 -9.85
N LEU B 368 1.09 21.51 -10.31
CA LEU B 368 1.48 21.83 -11.66
C LEU B 368 0.77 20.94 -12.68
N TYR B 369 0.28 19.78 -12.26
CA TYR B 369 -0.46 18.96 -13.21
C TYR B 369 -1.92 19.36 -13.21
N ALA B 370 -2.47 19.64 -12.03
CA ALA B 370 -3.85 20.07 -11.94
C ALA B 370 -4.04 21.45 -12.56
N ARG B 371 -2.96 22.22 -12.69
CA ARG B 371 -3.03 23.52 -13.34
C ARG B 371 -3.28 23.34 -14.83
N LYS B 372 -2.92 22.18 -15.36
CA LYS B 372 -3.11 21.88 -16.77
C LYS B 372 -4.26 20.92 -17.01
N LEU B 373 -5.21 20.86 -16.09
CA LEU B 373 -6.37 20.00 -16.27
C LEU B 373 -7.64 20.79 -16.49
N LYS B 374 -7.69 22.02 -16.02
CA LYS B 374 -8.87 22.83 -16.25
C LYS B 374 -8.81 23.44 -17.65
N LYS B 375 -7.59 23.61 -18.18
CA LYS B 375 -7.41 24.19 -19.51
C LYS B 375 -7.94 23.27 -20.60
N GLU B 376 -7.98 21.96 -20.33
CA GLU B 376 -8.51 20.96 -21.25
C GLU B 376 -9.38 20.14 -20.33
N ASN B 377 -10.63 20.56 -20.19
CA ASN B 377 -11.61 19.96 -19.31
C ASN B 377 -11.83 18.46 -19.53
N ILE B 378 -11.42 17.66 -18.55
CA ILE B 378 -11.64 16.23 -18.59
C ILE B 378 -12.49 15.93 -17.38
N VAL B 379 -11.85 15.95 -16.20
CA VAL B 379 -12.39 15.78 -14.85
C VAL B 379 -11.20 16.03 -13.94
N LEU B 380 -11.37 16.81 -12.88
CA LEU B 380 -10.27 17.04 -11.95
C LEU B 380 -10.48 16.01 -10.84
N TRP B 381 -9.65 14.97 -10.88
CA TRP B 381 -9.63 13.81 -10.02
C TRP B 381 -9.50 14.15 -8.55
N TRP B 382 -9.79 13.23 -7.65
CA TRP B 382 -9.64 13.58 -6.23
C TRP B 382 -8.17 13.44 -5.84
N ASN B 383 -7.87 13.94 -4.66
CA ASN B 383 -6.53 13.94 -4.07
C ASN B 383 -6.72 13.57 -2.61
N GLU B 384 -6.51 12.30 -2.27
CA GLU B 384 -6.80 11.86 -0.92
C GLU B 384 -5.73 10.92 -0.36
N LYS B 385 -6.15 10.21 0.69
CA LYS B 385 -5.40 9.26 1.51
C LYS B 385 -5.12 7.94 0.80
N ALA B 386 -6.17 7.24 0.41
CA ALA B 386 -6.08 5.96 -0.28
C ALA B 386 -5.36 6.10 -1.62
N PRO B 387 -4.92 4.99 -2.24
CA PRO B 387 -4.25 5.11 -3.54
C PRO B 387 -5.15 5.45 -4.73
N LEU B 388 -5.53 6.71 -4.77
CA LEU B 388 -6.27 7.51 -5.74
C LEU B 388 -7.39 6.92 -6.60
N PRO B 389 -8.48 6.45 -6.06
CA PRO B 389 -9.55 5.96 -6.94
C PRO B 389 -10.65 6.99 -7.12
N ASP B 390 -11.17 7.13 -8.34
CA ASP B 390 -12.26 8.06 -8.64
C ASP B 390 -13.23 7.44 -9.62
N HIS B 391 -13.47 6.14 -9.48
CA HIS B 391 -14.37 5.49 -10.43
C HIS B 391 -15.39 4.61 -9.74
N GLY B 392 -16.09 3.79 -10.51
CA GLY B 392 -17.03 2.86 -9.91
C GLY B 392 -16.30 1.78 -9.15
N GLY B 393 -15.10 1.46 -9.60
CA GLY B 393 -14.30 0.45 -8.93
C GLY B 393 -13.36 1.05 -7.91
N ILE B 394 -13.82 1.10 -6.68
CA ILE B 394 -13.03 1.59 -5.57
C ILE B 394 -13.00 0.44 -4.58
N GLN B 395 -14.16 0.17 -4.02
CA GLN B 395 -14.35 -0.88 -3.04
C GLN B 395 -14.94 -2.11 -3.71
N ASN B 396 -14.36 -2.54 -4.82
CA ASN B 396 -14.88 -3.68 -5.56
C ASN B 396 -13.81 -4.66 -6.02
N TRP B 404 -1.40 -6.72 -10.25
CA TRP B 404 -1.34 -8.16 -10.62
C TRP B 404 -0.13 -8.80 -9.93
N ILE B 405 1.09 -8.45 -10.38
CA ILE B 405 2.36 -8.89 -9.75
C ILE B 405 3.51 -7.99 -10.22
N MET B 406 3.15 -6.99 -11.06
CA MET B 406 3.95 -5.95 -11.77
C MET B 406 4.46 -6.50 -13.11
N ASN B 407 4.33 -7.82 -13.34
CA ASN B 407 4.69 -8.57 -14.57
C ASN B 407 6.22 -8.68 -14.78
N ASP B 408 6.92 -7.54 -14.93
CA ASP B 408 8.39 -7.40 -15.12
C ASP B 408 8.82 -7.77 -16.54
N SER B 409 7.87 -7.94 -17.46
CA SER B 409 8.16 -8.27 -18.88
C SER B 409 9.02 -9.53 -18.96
N GLU B 410 10.08 -9.50 -19.78
CA GLU B 410 11.00 -10.65 -19.94
C GLU B 410 12.45 -10.16 -19.80
N PHE B 411 13.28 -10.91 -19.05
CA PHE B 411 14.70 -10.53 -18.87
C PHE B 411 15.57 -11.77 -19.15
N PRO B 412 15.65 -12.23 -20.41
CA PRO B 412 16.44 -13.41 -20.79
C PRO B 412 17.95 -13.21 -20.95
N LYS B 413 18.71 -14.30 -20.80
CA LYS B 413 20.16 -14.31 -20.97
C LYS B 413 20.62 -15.54 -21.76
N ILE B 414 21.63 -15.33 -22.59
CA ILE B 414 22.15 -16.44 -23.39
C ILE B 414 23.29 -17.14 -22.65
N ASN B 415 23.78 -16.52 -21.57
CA ASN B 415 24.85 -17.02 -20.69
C ASN B 415 26.19 -17.18 -21.42
N ASN B 416 26.70 -16.07 -21.94
CA ASN B 416 27.99 -16.04 -22.66
C ASN B 416 29.14 -16.17 -21.67
N SER B 417 29.53 -17.41 -21.40
CA SER B 417 30.63 -17.63 -20.46
C SER B 417 31.96 -17.35 -21.13
N GLY B 418 32.30 -18.16 -22.13
CA GLY B 418 33.56 -17.95 -22.84
C GLY B 418 33.34 -17.21 -24.12
N VAL B 419 33.50 -15.89 -24.08
CA VAL B 419 33.33 -15.08 -25.27
C VAL B 419 34.56 -15.27 -26.14
N TYR B 420 34.34 -15.50 -27.43
CA TYR B 420 35.44 -15.73 -28.36
C TYR B 420 36.17 -14.46 -28.76
N ASP B 421 35.89 -13.33 -28.12
CA ASP B 421 36.55 -12.07 -28.44
C ASP B 421 36.48 -11.17 -27.22
N ASN B 422 36.83 -9.91 -27.44
CA ASN B 422 36.78 -8.86 -26.43
C ASN B 422 35.80 -7.82 -26.98
N VAL B 423 34.56 -7.85 -26.45
CA VAL B 423 33.50 -6.98 -26.96
C VAL B 423 32.85 -6.05 -25.95
N VAL B 424 31.91 -5.24 -26.42
CA VAL B 424 31.22 -4.20 -25.67
C VAL B 424 29.97 -4.65 -24.93
N LEU B 425 30.14 -4.97 -23.66
CA LEU B 425 29.04 -5.43 -22.85
C LEU B 425 28.70 -4.44 -21.75
N ASP B 426 28.60 -3.15 -22.06
CA ASP B 426 28.39 -2.16 -21.02
C ASP B 426 27.59 -0.93 -21.44
N VAL B 427 26.31 -0.88 -21.11
CA VAL B 427 25.50 0.30 -21.42
C VAL B 427 24.65 0.60 -20.20
N GLY B 428 25.08 1.54 -19.39
CA GLY B 428 24.23 1.84 -18.26
C GLY B 428 23.29 2.93 -18.70
N VAL B 429 22.13 2.55 -19.19
CA VAL B 429 21.20 3.57 -19.64
C VAL B 429 20.46 4.14 -18.44
N ASP B 430 20.31 5.45 -18.41
CA ASP B 430 19.65 6.11 -17.31
C ASP B 430 18.45 6.90 -17.80
N ASN B 431 17.46 7.01 -16.92
CA ASN B 431 16.21 7.75 -17.16
C ASN B 431 15.49 7.24 -18.39
N LEU B 432 15.09 5.98 -18.31
CA LEU B 432 14.40 5.35 -19.42
C LEU B 432 12.95 5.81 -19.52
N THR B 433 12.27 5.97 -18.39
CA THR B 433 10.89 6.42 -18.39
C THR B 433 10.77 7.84 -18.92
N VAL B 434 11.78 8.66 -18.63
CA VAL B 434 11.81 10.05 -19.08
C VAL B 434 11.79 10.12 -20.60
N ASN B 435 12.57 9.26 -21.25
CA ASN B 435 12.59 9.25 -22.71
C ASN B 435 11.33 8.59 -23.26
N THR B 436 10.98 7.44 -22.68
CA THR B 436 9.84 6.63 -23.11
C THR B 436 8.51 7.36 -23.05
N ILE B 437 8.37 8.32 -22.14
CA ILE B 437 7.09 9.02 -22.00
C ILE B 437 6.83 10.05 -23.09
N LEU B 438 7.68 10.18 -24.10
CA LEU B 438 7.42 11.20 -25.11
C LEU B 438 6.41 10.76 -26.18
N THR B 439 6.75 9.74 -26.98
CA THR B 439 5.92 9.31 -28.10
C THR B 439 4.47 8.95 -27.82
N SER B 440 4.21 7.93 -27.03
CA SER B 440 2.83 7.57 -26.77
C SER B 440 2.25 8.45 -25.67
N SER B 477 -6.77 4.95 -19.19
CA SER B 477 -6.88 6.36 -19.50
C SER B 477 -5.89 6.79 -20.57
N ASN B 478 -6.38 7.50 -21.58
CA ASN B 478 -5.55 8.01 -22.68
C ASN B 478 -5.86 9.45 -23.03
N ASP B 479 -7.03 9.97 -22.64
CA ASP B 479 -7.40 11.34 -22.95
C ASP B 479 -6.57 12.36 -22.18
N ALA B 480 -5.89 11.95 -21.10
CA ALA B 480 -5.08 12.85 -20.30
C ALA B 480 -3.59 12.58 -20.44
N LEU B 481 -3.19 11.55 -21.17
CA LEU B 481 -1.77 11.29 -21.34
C LEU B 481 -1.10 12.27 -22.27
N ASN B 482 -1.85 12.88 -23.18
CA ASN B 482 -1.27 13.88 -24.06
C ASN B 482 -0.90 15.10 -23.25
N VAL B 483 -1.63 15.35 -22.16
CA VAL B 483 -1.30 16.46 -21.27
C VAL B 483 -0.01 16.13 -20.56
N LEU B 484 0.19 14.85 -20.22
CA LEU B 484 1.43 14.43 -19.57
C LEU B 484 2.59 14.64 -20.51
N ARG B 485 2.37 14.30 -21.79
CA ARG B 485 3.40 14.50 -22.80
C ARG B 485 3.69 15.98 -22.99
N GLY B 486 2.65 16.82 -23.02
CA GLY B 486 2.84 18.25 -23.21
C GLY B 486 3.57 18.91 -22.06
N MET B 487 3.28 18.47 -20.83
CA MET B 487 3.98 19.05 -19.70
C MET B 487 5.41 18.56 -19.67
N LEU B 488 5.65 17.37 -20.23
CA LEU B 488 7.02 16.91 -20.32
C LEU B 488 7.74 17.72 -21.38
N LYS B 489 7.00 18.15 -22.42
CA LYS B 489 7.57 18.99 -23.47
C LYS B 489 7.97 20.32 -22.90
N GLU B 490 7.09 20.88 -22.05
CA GLU B 490 7.32 22.17 -21.42
C GLU B 490 8.52 22.17 -20.48
N TRP B 491 8.99 21.00 -20.06
CA TRP B 491 10.09 21.01 -19.12
C TRP B 491 11.38 20.44 -19.66
N TRP B 492 11.33 19.47 -20.57
CA TRP B 492 12.57 18.91 -21.09
C TRP B 492 13.34 19.90 -21.94
N ASP B 493 12.67 20.92 -22.46
CA ASP B 493 13.30 21.96 -23.26
C ASP B 493 13.83 23.10 -22.41
N GLU B 494 13.72 23.01 -21.08
CA GLU B 494 14.15 24.08 -20.21
C GLU B 494 15.64 24.19 -20.03
N ALA B 495 16.44 23.56 -20.89
CA ALA B 495 17.88 23.72 -20.79
C ALA B 495 18.33 24.98 -21.53
N LEU B 496 17.40 25.89 -21.81
CA LEU B 496 17.68 27.12 -22.54
C LEU B 496 18.56 28.04 -21.71
N LYS B 497 19.85 27.98 -22.00
CA LYS B 497 21.00 28.71 -21.48
C LYS B 497 21.35 28.41 -20.02
N GLU B 498 20.35 28.00 -19.22
CA GLU B 498 20.37 27.60 -17.82
C GLU B 498 18.97 27.36 -17.30
N ASN B 499 18.90 26.66 -16.18
CA ASN B 499 17.76 26.35 -15.32
C ASN B 499 18.24 25.45 -14.19
N SER B 500 17.61 25.56 -13.04
CA SER B 500 17.97 24.69 -11.93
C SER B 500 16.77 24.06 -11.27
N THR B 501 15.67 24.78 -11.12
CA THR B 501 14.46 24.25 -10.52
C THR B 501 13.84 23.18 -11.41
N ALA B 502 13.61 23.54 -12.67
CA ALA B 502 13.03 22.59 -13.60
C ALA B 502 14.00 21.46 -13.90
N ASP B 503 15.30 21.72 -13.79
CA ASP B 503 16.29 20.70 -14.05
C ASP B 503 16.19 19.58 -13.02
N LEU B 504 15.89 19.94 -11.78
CA LEU B 504 15.71 18.94 -10.75
C LEU B 504 14.28 18.44 -10.72
N LEU B 505 13.36 19.22 -11.27
CA LEU B 505 11.96 18.81 -11.28
C LEU B 505 11.66 17.84 -12.42
N VAL B 506 12.54 17.74 -13.42
CA VAL B 506 12.33 16.77 -14.48
C VAL B 506 12.60 15.38 -13.95
N ASN B 507 13.61 15.25 -13.10
CA ASN B 507 13.91 13.95 -12.51
C ASN B 507 12.84 13.48 -11.54
N SER B 508 11.90 14.35 -11.18
CA SER B 508 10.81 13.99 -10.29
C SER B 508 9.84 13.04 -10.96
N LEU B 509 9.65 13.16 -12.27
CA LEU B 509 8.71 12.29 -12.96
C LEU B 509 9.21 10.86 -13.00
N ALA B 510 10.53 10.66 -12.94
CA ALA B 510 11.12 9.33 -12.93
C ALA B 510 10.66 8.51 -11.76
N SER B 511 10.32 9.14 -10.64
CA SER B 511 9.85 8.44 -9.48
C SER B 511 8.42 8.79 -9.14
N TRP B 512 7.84 9.79 -9.79
CA TRP B 512 6.47 10.09 -9.45
C TRP B 512 5.52 9.11 -10.09
N VAL B 513 5.95 8.45 -11.16
CA VAL B 513 5.13 7.49 -11.88
C VAL B 513 4.98 6.16 -11.13
N GLN B 514 5.44 6.08 -9.89
CA GLN B 514 5.36 4.85 -9.14
C GLN B 514 4.86 5.01 -7.71
N ASN B 515 4.88 6.19 -7.12
CA ASN B 515 4.44 6.40 -5.74
C ASN B 515 2.93 6.45 -5.55
N PRO B 516 2.33 5.51 -4.82
CA PRO B 516 0.88 5.54 -4.62
C PRO B 516 0.44 6.54 -3.58
N ASN B 517 1.35 6.96 -2.72
CA ASN B 517 1.00 7.94 -1.70
C ASN B 517 0.75 9.30 -2.33
N ALA B 518 1.58 9.66 -3.30
CA ALA B 518 1.47 10.94 -3.99
C ALA B 518 0.15 11.04 -4.73
N LYS B 519 -0.58 12.12 -4.49
CA LYS B 519 -1.90 12.35 -5.05
C LYS B 519 -1.99 12.48 -6.57
N LEU B 520 -3.21 12.64 -7.08
CA LEU B 520 -3.57 12.81 -8.50
C LEU B 520 -3.17 11.63 -9.40
N PHE B 521 -3.90 10.54 -9.15
CA PHE B 521 -3.92 9.29 -9.92
C PHE B 521 -2.58 8.65 -10.27
N ASP B 522 -1.99 8.04 -9.27
CA ASP B 522 -0.80 7.24 -9.52
C ASP B 522 -1.22 5.80 -9.27
N GLY B 523 -2.42 5.45 -9.77
CA GLY B 523 -3.01 4.14 -9.63
C GLY B 523 -3.25 3.33 -10.89
N LEU B 524 -3.27 3.93 -12.07
CA LEU B 524 -3.48 3.15 -13.28
C LEU B 524 -2.39 3.35 -14.32
N LEU B 525 -1.87 4.57 -14.43
CA LEU B 525 -0.82 4.92 -15.37
C LEU B 525 0.45 4.09 -15.19
N ARG B 526 0.63 3.48 -14.01
CA ARG B 526 1.78 2.63 -13.72
C ARG B 526 1.78 1.40 -14.59
N TYR B 527 0.62 1.01 -15.10
CA TYR B 527 0.49 -0.14 -15.99
C TYR B 527 0.86 0.27 -17.41
N HIS B 528 0.42 1.46 -17.83
CA HIS B 528 0.73 1.97 -19.15
C HIS B 528 2.23 2.12 -19.33
N VAL B 529 2.89 2.72 -18.34
CA VAL B 529 4.32 2.95 -18.43
C VAL B 529 5.08 1.64 -18.46
N HIS B 530 4.63 0.67 -17.67
CA HIS B 530 5.31 -0.62 -17.66
C HIS B 530 5.15 -1.37 -18.96
N ASN B 531 4.00 -1.24 -19.62
CA ASN B 531 3.81 -1.93 -20.88
C ASN B 531 4.53 -1.20 -22.01
N LEU B 532 4.46 0.12 -22.00
CA LEU B 532 5.13 0.93 -23.00
C LEU B 532 6.63 0.77 -22.87
N THR B 533 7.11 0.55 -21.66
CA THR B 533 8.52 0.33 -21.44
C THR B 533 8.93 -1.00 -22.03
N LYS B 534 8.03 -1.99 -21.99
CA LYS B 534 8.33 -3.28 -22.59
C LYS B 534 8.47 -3.15 -24.10
N LYS B 535 7.51 -2.45 -24.71
CA LYS B 535 7.55 -2.26 -26.15
C LYS B 535 8.77 -1.47 -26.57
N ALA B 536 9.09 -0.39 -25.85
CA ALA B 536 10.27 0.40 -26.18
C ALA B 536 11.55 -0.35 -25.86
N LEU B 537 11.54 -1.18 -24.83
CA LEU B 537 12.73 -1.92 -24.45
C LEU B 537 13.08 -2.97 -25.49
N LEU B 538 12.08 -3.74 -25.92
CA LEU B 538 12.36 -4.72 -26.96
C LEU B 538 12.64 -4.02 -28.28
N GLN B 539 12.08 -2.82 -28.45
CA GLN B 539 12.36 -2.03 -29.63
C GLN B 539 13.82 -1.61 -29.61
N LEU B 540 14.33 -1.31 -28.42
CA LEU B 540 15.73 -0.96 -28.26
C LEU B 540 16.58 -2.18 -28.55
N VAL B 541 16.12 -3.35 -28.14
CA VAL B 541 16.86 -4.58 -28.38
C VAL B 541 16.99 -4.86 -29.87
N ASN B 542 15.91 -4.68 -30.63
CA ASN B 542 15.94 -4.93 -32.07
C ASN B 542 16.75 -3.85 -32.79
N GLU B 543 16.49 -2.58 -32.46
CA GLU B 543 17.16 -1.48 -33.13
C GLU B 543 18.63 -1.42 -32.77
N PHE B 544 19.00 -1.88 -31.58
CA PHE B 544 20.41 -1.92 -31.23
C PHE B 544 21.08 -3.04 -32.01
N SER B 545 20.29 -4.04 -32.39
CA SER B 545 20.75 -5.16 -33.17
C SER B 545 20.71 -4.89 -34.67
N ALA B 546 20.74 -3.63 -35.07
CA ALA B 546 20.72 -3.30 -36.50
C ALA B 546 22.12 -3.21 -37.06
N LEU B 547 22.91 -4.21 -36.69
CA LEU B 547 24.30 -4.48 -37.02
C LEU B 547 24.63 -5.83 -36.41
N GLY B 548 25.84 -6.29 -36.63
CA GLY B 548 26.25 -7.57 -36.07
C GLY B 548 26.54 -7.42 -34.59
N SER B 549 25.63 -7.91 -33.76
CA SER B 549 25.78 -7.82 -32.32
C SER B 549 24.98 -8.95 -31.67
N THR B 550 25.13 -9.08 -30.36
CA THR B 550 24.41 -10.10 -29.60
C THR B 550 24.07 -9.55 -28.23
N ILE B 551 22.78 -9.46 -27.94
CA ILE B 551 22.31 -8.95 -26.65
C ILE B 551 22.58 -10.01 -25.60
N VAL B 552 23.15 -9.62 -24.47
CA VAL B 552 23.49 -10.54 -23.40
C VAL B 552 22.62 -10.36 -22.17
N TYR B 553 22.38 -9.12 -21.75
CA TYR B 553 21.59 -8.93 -20.53
C TYR B 553 20.79 -7.64 -20.58
N ALA B 554 19.47 -7.77 -20.57
CA ALA B 554 18.56 -6.64 -20.56
C ALA B 554 17.84 -6.72 -19.23
N ASP B 555 18.06 -5.75 -18.37
CA ASP B 555 17.46 -5.79 -17.04
C ASP B 555 16.93 -4.42 -16.67
N ARG B 556 16.20 -3.79 -17.60
CA ARG B 556 15.53 -2.48 -17.53
C ARG B 556 16.53 -1.33 -17.55
N ASN B 557 17.83 -1.58 -17.39
CA ASN B 557 18.78 -0.50 -17.47
C ASN B 557 20.14 -0.85 -18.07
N GLN B 558 20.35 -2.06 -18.59
CA GLN B 558 21.63 -2.44 -19.17
C GLN B 558 21.48 -3.07 -20.54
N ILE B 559 22.50 -2.88 -21.38
CA ILE B 559 22.57 -3.40 -22.74
C ILE B 559 23.99 -3.88 -22.96
N LEU B 560 24.15 -5.08 -23.49
CA LEU B 560 25.45 -5.71 -23.69
C LEU B 560 25.52 -6.26 -25.11
N ILE B 561 26.49 -5.82 -25.91
CA ILE B 561 26.56 -6.32 -27.28
C ILE B 561 27.94 -6.83 -27.68
N LYS B 562 28.09 -7.13 -28.98
CA LYS B 562 29.34 -7.67 -29.49
C LYS B 562 29.74 -7.06 -30.82
N THR B 563 30.98 -6.60 -30.95
CA THR B 563 31.36 -6.06 -32.24
C THR B 563 32.51 -6.76 -32.97
N ASN B 564 33.72 -6.82 -32.41
CA ASN B 564 34.87 -7.42 -33.10
C ASN B 564 35.85 -8.00 -32.07
N LYS B 565 37.06 -8.28 -32.54
CA LYS B 565 38.18 -8.84 -31.76
C LYS B 565 39.45 -8.02 -32.02
N TYR B 566 39.32 -6.69 -31.89
CA TYR B 566 40.45 -5.79 -32.11
C TYR B 566 40.26 -4.52 -31.31
N SER B 567 41.26 -4.18 -30.45
CA SER B 567 41.30 -2.99 -29.61
C SER B 567 40.00 -2.92 -28.81
N PRO B 568 39.93 -3.69 -27.70
CA PRO B 568 38.70 -3.89 -26.90
C PRO B 568 37.58 -2.85 -26.79
N GLU B 569 37.85 -1.56 -26.60
CA GLU B 569 36.70 -0.66 -26.48
C GLU B 569 36.69 0.57 -27.37
N ASN B 570 37.84 1.11 -27.77
CA ASN B 570 37.84 2.30 -28.61
C ASN B 570 37.31 2.04 -30.00
N CYS B 571 37.38 0.77 -30.45
CA CYS B 571 36.90 0.41 -31.77
C CYS B 571 35.40 0.62 -31.90
N TYR B 572 34.66 0.55 -30.80
CA TYR B 572 33.23 0.76 -30.80
C TYR B 572 32.81 1.98 -29.99
N ALA B 573 33.74 2.58 -29.24
CA ALA B 573 33.45 3.76 -28.42
C ALA B 573 32.90 4.93 -29.22
N TYR B 574 33.09 4.92 -30.53
CA TYR B 574 32.60 5.96 -31.39
C TYR B 574 31.45 5.46 -32.27
N SER B 575 31.37 4.15 -32.51
CA SER B 575 30.24 3.62 -33.27
C SER B 575 28.99 3.62 -32.39
N GLN B 576 29.21 3.64 -31.08
CA GLN B 576 28.09 3.74 -30.15
C GLN B 576 27.42 5.08 -30.33
N TYR B 577 28.20 6.11 -30.64
CA TYR B 577 27.66 7.45 -30.86
C TYR B 577 26.78 7.45 -32.09
N MET B 578 27.17 6.68 -33.11
CA MET B 578 26.37 6.54 -34.32
C MET B 578 25.06 5.87 -34.00
N MET B 579 25.12 4.81 -33.19
CA MET B 579 23.84 4.20 -32.85
C MET B 579 23.11 4.99 -31.78
N LYS B 580 23.77 5.98 -31.19
CA LYS B 580 23.10 6.85 -30.25
C LYS B 580 22.33 7.86 -31.08
N ALA B 581 22.84 8.15 -32.28
CA ALA B 581 22.19 9.01 -33.24
C ALA B 581 21.06 8.26 -33.92
N VAL B 582 21.10 6.92 -33.86
CA VAL B 582 20.02 6.08 -34.38
C VAL B 582 18.79 6.29 -33.50
N ARG B 583 18.96 6.78 -32.28
CA ARG B 583 17.81 7.15 -31.50
C ARG B 583 17.23 8.42 -32.08
N THR B 584 18.09 9.42 -32.25
CA THR B 584 17.80 10.76 -32.73
C THR B 584 17.07 10.86 -34.06
N ASN B 585 17.72 10.47 -35.16
CA ASN B 585 17.01 10.65 -36.42
C ASN B 585 15.97 9.53 -36.64
N PRO B 586 16.28 8.19 -36.50
CA PRO B 586 15.20 7.23 -36.67
C PRO B 586 14.11 7.26 -35.61
N MET B 587 14.41 7.13 -34.31
CA MET B 587 13.25 7.18 -33.45
C MET B 587 12.83 8.59 -33.05
N PHE B 588 13.48 9.18 -32.03
CA PHE B 588 13.19 10.52 -31.49
C PHE B 588 14.30 10.88 -30.50
N SER B 589 14.07 11.93 -29.70
CA SER B 589 15.00 12.37 -28.65
C SER B 589 14.21 12.53 -27.35
N TYR B 590 14.09 11.52 -26.47
CA TYR B 590 14.60 10.11 -26.44
C TYR B 590 16.12 9.96 -26.54
N LEU B 591 16.86 10.94 -26.04
CA LEU B 591 18.33 10.92 -26.06
C LEU B 591 18.88 11.13 -24.66
N ASP B 592 19.03 10.05 -23.90
CA ASP B 592 19.57 10.17 -22.55
C ASP B 592 20.09 8.82 -22.11
N LEU B 593 21.39 8.75 -21.83
CA LEU B 593 22.08 7.55 -21.36
C LEU B 593 23.54 7.90 -21.09
N ASN B 594 24.27 6.91 -20.62
CA ASN B 594 25.70 6.98 -20.36
C ASN B 594 26.25 5.62 -20.76
N ILE B 595 27.47 5.61 -21.26
CA ILE B 595 28.05 4.36 -21.74
C ILE B 595 29.48 4.15 -21.32
N LYS B 596 30.07 3.10 -21.90
CA LYS B 596 31.46 2.68 -21.70
C LYS B 596 31.76 2.40 -20.24
N ARG B 597 31.13 1.34 -19.74
CA ARG B 597 31.36 0.97 -18.36
C ARG B 597 32.54 -0.01 -18.31
N TYR B 598 32.65 -0.73 -17.22
CA TYR B 598 33.74 -1.64 -16.91
C TYR B 598 33.54 -3.09 -17.39
N TRP B 599 33.54 -3.37 -18.70
CA TRP B 599 33.33 -4.77 -19.05
C TRP B 599 34.16 -5.28 -20.23
N ASP B 600 34.62 -6.55 -20.08
CA ASP B 600 35.39 -7.31 -21.06
C ASP B 600 35.52 -8.77 -20.65
N LEU B 601 35.21 -9.69 -21.57
CA LEU B 601 35.31 -11.15 -21.40
C LEU B 601 34.58 -11.60 -20.13
N LEU B 602 33.28 -11.43 -20.20
CA LEU B 602 32.38 -11.67 -19.08
C LEU B 602 31.92 -13.11 -18.98
N ILE B 603 31.62 -13.50 -17.76
CA ILE B 603 31.10 -14.82 -17.43
C ILE B 603 29.70 -14.56 -16.88
N TRP B 604 28.74 -15.44 -17.17
CA TRP B 604 27.41 -15.15 -16.68
C TRP B 604 26.57 -16.34 -16.25
N MET B 605 25.58 -15.98 -15.46
CA MET B 605 24.46 -16.65 -14.84
C MET B 605 23.43 -15.53 -14.75
N ASP B 606 22.46 -15.62 -13.83
CA ASP B 606 21.50 -14.52 -13.73
C ASP B 606 22.22 -13.24 -13.29
N LYS B 607 22.63 -13.17 -12.03
CA LYS B 607 23.38 -12.01 -11.56
C LYS B 607 24.35 -12.41 -10.45
N PHE B 608 24.78 -13.66 -10.40
CA PHE B 608 25.68 -14.07 -9.35
C PHE B 608 27.07 -14.45 -9.82
N ASN B 609 27.52 -13.90 -10.95
CA ASN B 609 28.89 -14.10 -11.42
C ASN B 609 29.24 -12.96 -12.36
N PHE B 610 30.04 -12.02 -11.86
CA PHE B 610 30.45 -10.92 -12.70
C PHE B 610 31.94 -11.03 -12.98
N SER B 611 32.52 -12.20 -12.69
CA SER B 611 33.95 -12.52 -12.82
C SER B 611 34.44 -12.33 -14.25
N GLY B 612 35.28 -11.32 -14.45
CA GLY B 612 35.85 -11.03 -15.74
C GLY B 612 35.53 -9.68 -16.33
N LEU B 613 36.51 -8.78 -16.25
CA LEU B 613 36.46 -7.43 -16.78
C LEU B 613 37.88 -6.89 -16.75
N ALA B 614 38.33 -6.34 -17.87
CA ALA B 614 39.68 -5.78 -17.89
C ALA B 614 39.78 -4.65 -18.90
N CYS B 615 39.38 -3.44 -18.53
CA CYS B 615 39.41 -2.29 -19.42
C CYS B 615 39.08 -1.00 -18.68
N ILE B 616 39.75 0.07 -19.12
CA ILE B 616 39.63 1.48 -18.73
C ILE B 616 40.46 2.20 -19.80
N GLU B 617 40.02 3.38 -20.23
CA GLU B 617 40.68 4.08 -21.31
C GLU B 617 42.02 4.70 -20.94
N ILE B 618 43.09 4.10 -21.44
CA ILE B 618 44.46 4.56 -21.30
C ILE B 618 45.03 4.40 -22.70
N GLU B 619 44.24 3.70 -23.54
CA GLU B 619 44.39 3.34 -24.94
C GLU B 619 45.41 2.22 -25.19
N GLU B 620 46.17 1.75 -24.20
CA GLU B 620 47.10 0.67 -24.53
C GLU B 620 47.18 -0.48 -23.53
N LYS B 621 46.95 -0.27 -22.25
CA LYS B 621 47.12 -1.27 -21.19
C LYS B 621 46.11 -1.06 -20.07
N GLU B 622 46.55 -1.40 -18.85
CA GLU B 622 45.83 -1.28 -17.59
C GLU B 622 44.58 -2.14 -17.57
N ASN B 623 44.80 -3.45 -17.54
CA ASN B 623 43.74 -4.45 -17.53
C ASN B 623 43.57 -4.99 -16.12
N GLN B 624 42.54 -4.51 -15.44
CA GLN B 624 42.16 -4.87 -14.07
C GLN B 624 41.32 -6.14 -14.07
N ASP B 625 40.66 -6.42 -12.94
CA ASP B 625 39.82 -7.61 -12.82
C ASP B 625 38.63 -7.43 -11.87
N TYR B 626 37.91 -8.53 -11.61
CA TYR B 626 36.75 -8.57 -10.73
C TYR B 626 36.40 -10.03 -10.50
N THR B 627 35.84 -10.33 -9.32
CA THR B 627 35.46 -11.72 -9.01
C THR B 627 34.28 -11.77 -8.03
N ALA B 628 33.15 -12.27 -8.51
CA ALA B 628 31.95 -12.49 -7.70
C ALA B 628 31.28 -13.76 -8.21
N VAL B 629 32.09 -14.79 -8.43
CA VAL B 629 31.76 -16.10 -9.03
C VAL B 629 30.47 -16.80 -8.65
N SER B 630 30.16 -17.02 -7.35
CA SER B 630 28.89 -17.74 -7.13
C SER B 630 28.29 -17.52 -5.75
N GLN B 631 26.95 -17.46 -5.74
CA GLN B 631 26.17 -17.37 -4.51
C GLN B 631 26.08 -18.71 -3.83
N TRP B 632 26.42 -19.81 -4.53
CA TRP B 632 26.34 -21.13 -3.92
C TRP B 632 27.34 -21.26 -2.78
N GLN B 633 28.40 -20.43 -2.79
CA GLN B 633 29.37 -20.35 -1.72
C GLN B 633 28.72 -19.92 -0.41
N LEU B 634 27.63 -19.15 -0.50
CA LEU B 634 26.85 -18.70 0.64
C LEU B 634 25.55 -19.47 0.82
N LYS B 635 25.01 -20.09 -0.24
CA LYS B 635 23.83 -20.93 -0.06
C LYS B 635 24.25 -22.15 0.73
N LYS B 636 25.39 -22.73 0.37
CA LYS B 636 26.01 -23.77 1.17
C LYS B 636 26.65 -22.92 2.25
N PHE B 637 26.59 -23.35 3.52
CA PHE B 637 27.15 -22.49 4.57
C PHE B 637 28.64 -22.28 4.38
N LEU B 638 29.47 -23.28 4.56
CA LEU B 638 30.89 -23.12 4.31
C LEU B 638 31.53 -24.36 3.74
N SER B 639 30.77 -25.45 3.53
CA SER B 639 31.20 -26.74 3.06
C SER B 639 32.31 -27.19 4.01
N PRO B 640 31.97 -27.62 5.24
CA PRO B 640 32.99 -28.01 6.24
C PRO B 640 33.99 -29.06 5.76
N ILE B 641 35.29 -28.74 5.86
CA ILE B 641 35.82 -27.49 6.41
C ILE B 641 35.85 -26.32 5.43
N TYR B 642 35.56 -25.14 5.95
CA TYR B 642 35.47 -23.85 5.24
C TYR B 642 36.66 -23.49 4.37
N GLN B 643 37.80 -24.18 4.56
CA GLN B 643 39.04 -24.05 3.81
C GLN B 643 38.77 -24.36 2.35
N PRO B 644 37.73 -25.16 2.08
CA PRO B 644 37.36 -25.45 0.69
C PRO B 644 36.98 -24.20 -0.07
N GLU B 645 36.39 -23.21 0.62
CA GLU B 645 36.06 -21.94 -0.02
C GLU B 645 37.35 -21.25 -0.43
N PHE B 646 38.38 -21.37 0.40
CA PHE B 646 39.67 -20.81 0.07
C PHE B 646 40.33 -21.66 -1.01
N GLU B 647 40.04 -22.96 -1.00
CA GLU B 647 40.57 -23.84 -2.04
C GLU B 647 39.87 -23.52 -3.35
N ASP B 648 38.61 -23.13 -3.27
CA ASP B 648 37.88 -22.72 -4.45
C ASP B 648 38.29 -21.31 -4.84
N TRP B 649 38.80 -20.56 -3.87
CA TRP B 649 39.26 -19.21 -4.14
C TRP B 649 40.53 -19.31 -4.96
N MET B 650 40.69 -18.37 -5.90
CA MET B 650 41.76 -18.21 -6.88
C MET B 650 41.72 -19.30 -7.96
N MET B 651 40.81 -20.26 -7.83
CA MET B 651 40.68 -21.32 -8.82
C MET B 651 40.01 -20.75 -10.06
N ILE B 652 38.94 -19.97 -9.87
CA ILE B 652 38.27 -19.34 -11.00
C ILE B 652 39.15 -18.23 -11.54
N ILE B 653 39.98 -17.65 -10.67
CA ILE B 653 40.91 -16.62 -11.10
C ILE B 653 42.00 -17.24 -11.96
N LEU B 654 42.42 -18.47 -11.61
CA LEU B 654 43.41 -19.16 -12.42
C LEU B 654 42.84 -19.50 -13.78
N ASP B 655 41.56 -19.87 -13.81
CA ASP B 655 40.90 -20.18 -15.07
C ASP B 655 40.76 -18.93 -15.92
N SER B 656 40.52 -17.78 -15.27
CA SER B 656 40.41 -16.53 -16.01
C SER B 656 41.76 -16.12 -16.58
N MET B 657 42.83 -16.33 -15.79
CA MET B 657 44.17 -16.00 -16.25
C MET B 657 44.56 -16.91 -17.40
N LEU B 658 44.16 -18.18 -17.32
CA LEU B 658 44.46 -19.13 -18.38
C LEU B 658 43.66 -18.78 -19.63
N LYS B 659 42.44 -18.27 -19.45
CA LYS B 659 41.64 -17.86 -20.59
C LYS B 659 42.27 -16.66 -21.27
N THR B 660 42.80 -15.74 -20.47
CA THR B 660 43.49 -14.58 -21.01
C THR B 660 44.77 -14.99 -21.72
N LYS B 661 45.44 -16.01 -21.20
CA LYS B 661 46.68 -16.48 -21.81
C LYS B 661 46.38 -17.17 -23.13
N GLN B 662 45.36 -18.01 -23.17
CA GLN B 662 44.98 -18.70 -24.39
C GLN B 662 44.37 -17.76 -25.40
N SER B 663 43.86 -16.61 -24.92
CA SER B 663 43.29 -15.61 -25.81
C SER B 663 44.33 -14.97 -26.70
N TYR B 664 45.60 -15.00 -26.30
CA TYR B 664 46.66 -14.42 -27.10
C TYR B 664 47.00 -15.27 -28.33
N LEU B 665 46.48 -16.51 -28.39
CA LEU B 665 46.75 -17.36 -29.54
C LEU B 665 46.13 -16.80 -30.80
N LYS B 666 44.95 -16.21 -30.69
CA LYS B 666 44.30 -15.60 -31.85
C LYS B 666 44.94 -14.27 -32.21
N LEU B 667 45.71 -13.70 -31.30
CA LEU B 667 46.38 -12.43 -31.57
C LEU B 667 47.57 -12.62 -32.48
N ASN B 668 48.58 -13.32 -32.01
CA ASN B 668 49.77 -13.55 -32.81
C ASN B 668 50.18 -15.01 -32.73
N LYS B 685 37.88 -17.47 -30.91
CA LYS B 685 37.44 -18.08 -32.15
C LYS B 685 36.61 -19.33 -31.89
N GLU B 686 35.99 -19.86 -32.94
CA GLU B 686 35.16 -21.06 -32.87
C GLU B 686 35.95 -22.33 -33.15
N ASP B 687 37.26 -22.31 -32.89
CA ASP B 687 38.12 -23.47 -33.12
C ASP B 687 38.80 -23.95 -31.84
N SER B 688 39.38 -23.05 -31.05
CA SER B 688 40.06 -23.41 -29.81
C SER B 688 39.20 -23.17 -28.57
N VAL B 689 37.88 -23.42 -28.68
CA VAL B 689 36.98 -23.21 -27.55
C VAL B 689 37.24 -24.22 -26.45
N GLU B 690 37.37 -25.50 -26.82
CA GLU B 690 37.63 -26.56 -25.84
C GLU B 690 39.03 -26.49 -25.26
N ASN B 691 39.91 -25.69 -25.88
CA ASN B 691 41.28 -25.54 -25.39
C ASN B 691 41.32 -24.85 -24.04
N SER B 692 40.25 -24.13 -23.66
CA SER B 692 40.19 -23.46 -22.37
C SER B 692 40.25 -24.47 -21.24
N LEU B 693 39.69 -25.65 -21.48
CA LEU B 693 39.74 -26.73 -20.51
C LEU B 693 40.75 -27.79 -20.91
N ASN B 694 41.09 -27.88 -22.20
CA ASN B 694 42.07 -28.87 -22.65
C ASN B 694 43.45 -28.52 -22.15
N GLY B 695 43.84 -27.25 -22.27
CA GLY B 695 45.13 -26.82 -21.78
C GLY B 695 45.17 -26.62 -20.28
N PHE B 696 44.00 -26.59 -19.64
CA PHE B 696 43.89 -26.42 -18.20
C PHE B 696 43.35 -27.69 -17.53
N SER B 697 43.61 -28.84 -18.14
CA SER B 697 43.15 -30.12 -17.62
C SER B 697 44.18 -30.77 -16.70
N HIS B 698 45.37 -31.06 -17.23
CA HIS B 698 46.43 -31.69 -16.45
C HIS B 698 46.91 -30.81 -15.32
N LEU B 699 46.93 -29.49 -15.51
CA LEU B 699 47.33 -28.59 -14.44
C LEU B 699 46.30 -28.63 -13.33
N PHE B 700 45.02 -28.70 -13.69
CA PHE B 700 43.96 -28.84 -12.71
C PHE B 700 43.93 -30.26 -12.18
N SER B 701 44.46 -31.21 -12.95
CA SER B 701 44.54 -32.59 -12.50
C SER B 701 45.56 -32.72 -11.39
N LYS B 702 46.52 -31.80 -11.36
CA LYS B 702 47.53 -31.76 -10.32
C LYS B 702 46.77 -31.30 -9.08
N PRO B 703 45.79 -30.43 -9.25
CA PRO B 703 45.00 -29.98 -8.10
C PRO B 703 43.86 -30.95 -7.81
N LEU B 704 43.43 -31.69 -8.83
CA LEU B 704 42.34 -32.63 -8.66
C LEU B 704 42.77 -33.85 -7.84
N MET B 705 43.85 -34.52 -8.27
CA MET B 705 44.35 -35.69 -7.55
C MET B 705 44.79 -35.33 -6.14
N LYS B 706 45.28 -34.10 -5.96
CA LYS B 706 45.65 -33.62 -4.64
C LYS B 706 44.41 -33.44 -3.78
N ARG B 707 43.35 -32.87 -4.38
CA ARG B 707 42.10 -32.75 -3.66
C ARG B 707 41.48 -34.12 -3.49
N VAL B 708 41.82 -35.04 -4.40
CA VAL B 708 41.37 -36.42 -4.31
C VAL B 708 42.18 -37.17 -3.27
N LYS B 709 43.24 -36.56 -2.76
CA LYS B 709 44.07 -37.14 -1.73
C LYS B 709 44.03 -36.37 -0.42
N LYS B 710 43.91 -35.04 -0.48
CA LYS B 710 43.88 -34.25 0.75
C LYS B 710 42.57 -34.46 1.51
N LEU B 711 41.44 -34.55 0.79
CA LEU B 711 40.15 -34.74 1.43
C LEU B 711 39.82 -36.20 1.71
N PHE B 712 40.78 -37.13 1.51
CA PHE B 712 40.53 -38.54 1.77
C PHE B 712 40.29 -38.77 3.25
N LYS B 713 41.00 -38.03 4.08
CA LYS B 713 40.80 -38.14 5.51
C LYS B 713 39.71 -37.21 6.00
N ASN B 714 39.16 -36.37 5.12
CA ASN B 714 38.12 -35.42 5.51
C ASN B 714 36.76 -36.07 5.67
N GLN B 715 36.49 -36.67 6.84
CA GLN B 715 35.21 -37.31 7.08
C GLN B 715 34.70 -37.19 8.52
N GLN B 716 35.10 -36.15 9.26
CA GLN B 716 34.75 -35.87 10.65
C GLN B 716 35.14 -37.04 11.54
N GLU B 717 36.29 -37.65 11.32
CA GLU B 717 36.69 -38.79 12.15
C GLU B 717 37.35 -38.42 13.47
N PHE B 718 38.12 -37.35 13.51
CA PHE B 718 38.79 -36.94 14.74
C PHE B 718 38.34 -35.55 15.11
N ILE B 719 38.01 -35.37 16.40
CA ILE B 719 37.50 -34.15 17.03
C ILE B 719 38.31 -32.90 16.75
N LEU B 720 39.60 -33.05 16.40
CA LEU B 720 40.44 -31.90 16.09
C LEU B 720 39.88 -31.16 14.89
N ASP B 721 39.26 -31.89 13.99
CA ASP B 721 38.61 -31.34 12.83
C ASP B 721 37.13 -31.68 12.80
N PRO B 722 36.71 -32.79 13.42
CA PRO B 722 35.30 -33.17 13.44
C PRO B 722 34.50 -32.12 14.18
N GLN B 723 35.00 -31.69 15.34
CA GLN B 723 34.31 -30.63 16.06
C GLN B 723 34.50 -29.31 15.34
N TYR B 724 35.58 -29.20 14.58
CA TYR B 724 35.86 -27.99 13.81
C TYR B 724 35.07 -27.94 12.52
N GLU B 725 34.18 -28.90 12.27
CA GLU B 725 33.41 -28.89 11.04
C GLU B 725 32.38 -27.78 11.06
N ALA B 726 31.50 -27.79 12.06
CA ALA B 726 30.41 -26.82 12.27
C ALA B 726 29.46 -26.74 11.06
N SER B 736 33.39 -33.16 0.21
CA SER B 736 33.09 -32.06 -0.69
C SER B 736 32.94 -32.58 -2.10
N HIS B 737 32.50 -33.84 -2.18
CA HIS B 737 32.29 -34.52 -3.46
C HIS B 737 31.38 -33.71 -4.35
N LEU B 738 30.23 -33.31 -3.81
CA LEU B 738 29.28 -32.49 -4.55
C LEU B 738 29.80 -31.08 -4.72
N ASN B 739 30.67 -30.65 -3.82
CA ASN B 739 31.21 -29.31 -3.88
C ASN B 739 32.28 -29.16 -4.92
N VAL B 740 32.66 -30.25 -5.55
CA VAL B 740 33.65 -30.23 -6.62
C VAL B 740 32.78 -30.42 -7.87
N LYS B 741 31.62 -31.03 -7.65
CA LYS B 741 30.72 -31.31 -8.75
C LYS B 741 30.02 -30.07 -9.27
N ASN B 742 29.19 -29.40 -8.47
CA ASN B 742 28.43 -28.26 -9.01
C ASN B 742 29.17 -27.00 -9.49
N PRO B 743 30.07 -26.34 -8.70
CA PRO B 743 30.68 -25.11 -9.24
C PRO B 743 31.65 -25.30 -10.41
N LEU B 744 32.55 -26.26 -10.24
CA LEU B 744 33.56 -26.52 -11.25
C LEU B 744 32.95 -26.99 -12.56
N LEU B 745 32.15 -28.06 -12.51
CA LEU B 745 31.53 -28.57 -13.73
C LEU B 745 30.49 -27.59 -14.28
N GLU B 746 29.82 -26.80 -13.43
CA GLU B 746 28.85 -25.85 -13.96
C GLU B 746 29.54 -24.73 -14.73
N LEU B 747 30.65 -24.23 -14.20
CA LEU B 747 31.39 -23.19 -14.90
C LEU B 747 32.02 -23.71 -16.18
N VAL B 748 32.71 -24.84 -16.07
CA VAL B 748 33.38 -25.44 -17.21
C VAL B 748 32.39 -25.86 -18.28
N LYS B 749 31.23 -26.39 -17.88
CA LYS B 749 30.23 -26.79 -18.85
C LYS B 749 29.58 -25.57 -19.48
N SER B 750 29.46 -24.47 -18.73
CA SER B 750 28.88 -23.27 -19.29
C SER B 750 29.84 -22.55 -20.23
N LEU B 751 31.15 -22.83 -20.12
CA LEU B 751 32.17 -22.19 -20.97
C LEU B 751 31.92 -22.40 -22.46
N CYS B 752 31.33 -23.53 -22.83
CA CYS B 752 31.02 -23.86 -24.22
C CYS B 752 29.57 -24.30 -24.33
N HIS B 753 28.67 -23.49 -23.77
CA HIS B 753 27.25 -23.81 -23.80
C HIS B 753 26.73 -23.63 -25.22
N VAL B 754 35.42 -34.69 -22.42
CA VAL B 754 35.43 -33.24 -22.38
C VAL B 754 35.51 -32.78 -20.94
N MET B 755 34.75 -33.39 -20.05
CA MET B 755 34.75 -32.95 -18.66
C MET B 755 35.49 -33.85 -17.67
N LEU B 756 35.05 -35.10 -17.46
CA LEU B 756 35.69 -35.98 -16.49
C LEU B 756 35.24 -37.39 -16.79
N LEU B 757 35.76 -38.33 -16.00
CA LEU B 757 35.39 -39.73 -16.06
C LEU B 757 33.98 -39.69 -15.52
N SER B 758 32.97 -39.62 -16.41
CA SER B 758 31.59 -39.49 -15.95
C SER B 758 30.60 -40.19 -16.89
N LYS B 759 30.09 -41.40 -16.49
CA LYS B 759 29.12 -42.02 -17.39
C LYS B 759 27.86 -42.55 -16.70
N SER B 760 27.98 -43.21 -15.54
CA SER B 760 26.82 -43.73 -14.82
C SER B 760 26.28 -42.72 -13.82
N THR B 761 27.17 -41.89 -13.32
CA THR B 761 26.75 -40.88 -12.38
C THR B 761 26.05 -39.72 -13.11
N ILE B 762 26.06 -39.75 -14.45
CA ILE B 762 25.34 -38.79 -15.29
C ILE B 762 23.86 -38.86 -14.95
N LEU B 763 23.39 -40.05 -14.62
CA LEU B 763 22.04 -40.29 -14.20
C LEU B 763 21.94 -40.40 -12.69
N GLU B 764 22.95 -40.98 -12.04
CA GLU B 764 22.94 -41.17 -10.59
C GLU B 764 22.86 -39.90 -9.74
N ILE B 765 23.84 -39.00 -9.77
CA ILE B 765 23.78 -37.79 -8.94
C ILE B 765 23.50 -36.58 -9.79
N SER B 793 13.76 -17.45 -3.01
CA SER B 793 13.99 -16.68 -4.22
C SER B 793 13.10 -15.46 -4.26
N LEU B 794 12.78 -14.92 -3.09
CA LEU B 794 11.94 -13.75 -3.03
C LEU B 794 12.69 -12.52 -3.48
N VAL B 795 11.93 -11.57 -4.02
CA VAL B 795 12.47 -10.31 -4.48
C VAL B 795 11.36 -9.27 -4.42
N VAL B 796 11.61 -8.17 -3.73
CA VAL B 796 10.62 -7.12 -3.62
C VAL B 796 10.54 -6.39 -4.96
N PRO B 797 9.36 -6.25 -5.56
CA PRO B 797 9.26 -5.62 -6.88
C PRO B 797 9.42 -4.10 -6.88
N ASP B 798 10.49 -3.64 -7.52
CA ASP B 798 10.84 -2.24 -7.77
C ASP B 798 10.87 -1.38 -6.49
N PHE B 799 11.88 -1.63 -5.68
CA PHE B 799 12.00 -0.84 -4.47
C PHE B 799 12.65 0.50 -4.82
N LEU B 800 12.25 1.54 -4.09
CA LEU B 800 12.73 2.90 -4.33
C LEU B 800 13.97 3.22 -3.53
N CYS B 801 14.27 4.52 -3.49
CA CYS B 801 15.37 5.09 -2.74
C CYS B 801 14.98 6.54 -2.59
N GLU B 802 14.66 6.95 -1.37
CA GLU B 802 14.21 8.32 -1.13
C GLU B 802 15.30 9.36 -1.36
N TYR B 803 16.55 8.95 -1.45
CA TYR B 803 17.65 9.88 -1.65
C TYR B 803 18.23 9.82 -3.06
N CYS B 804 18.65 8.64 -3.52
CA CYS B 804 19.23 8.54 -4.86
C CYS B 804 18.19 8.64 -5.97
N PHE B 805 16.92 8.39 -5.64
CA PHE B 805 15.79 8.43 -6.56
C PHE B 805 15.99 7.48 -7.73
N PHE B 806 16.34 6.26 -7.40
CA PHE B 806 16.55 5.19 -8.36
C PHE B 806 15.60 4.07 -7.97
N ILE B 807 15.21 3.27 -8.96
CA ILE B 807 14.30 2.17 -8.74
C ILE B 807 14.97 0.89 -9.20
N SER B 808 14.90 -0.15 -8.37
CA SER B 808 15.44 -1.46 -8.71
C SER B 808 14.81 -2.49 -7.78
N ASP B 809 15.08 -3.75 -8.09
CA ASP B 809 14.57 -4.84 -7.29
C ASP B 809 15.60 -5.21 -6.24
N ILE B 810 15.11 -5.72 -5.12
CA ILE B 810 15.96 -6.12 -4.01
C ILE B 810 15.79 -7.60 -3.83
N ASP B 811 16.86 -8.35 -4.04
CA ASP B 811 16.82 -9.79 -3.88
C ASP B 811 17.27 -10.19 -2.49
N PHE B 812 16.82 -11.36 -2.07
CA PHE B 812 17.15 -11.89 -0.76
C PHE B 812 17.99 -13.14 -0.92
N CYS B 813 19.00 -13.05 -1.76
CA CYS B 813 19.91 -14.17 -1.99
C CYS B 813 21.36 -13.72 -1.92
N LYS B 814 21.61 -12.44 -1.71
CA LYS B 814 22.96 -11.90 -1.62
C LYS B 814 23.25 -11.26 -0.27
N PHE B 821 21.59 -3.37 4.34
CA PHE B 821 21.94 -2.83 3.03
C PHE B 821 22.01 -1.31 2.96
N SER B 822 22.06 -0.86 1.71
CA SER B 822 22.10 0.53 1.30
C SER B 822 21.88 0.54 -0.20
N CYS B 823 21.78 1.74 -0.77
CA CYS B 823 21.57 1.82 -2.21
C CYS B 823 22.87 1.53 -2.94
N VAL B 824 22.75 1.26 -4.23
CA VAL B 824 23.93 0.98 -5.04
C VAL B 824 24.43 2.24 -5.72
N ARG B 825 23.50 3.03 -6.25
CA ARG B 825 23.85 4.29 -6.92
C ARG B 825 24.44 5.27 -5.93
N CYS B 826 23.72 5.58 -4.88
CA CYS B 826 24.21 6.42 -3.80
C CYS B 826 24.55 5.47 -2.67
N HIS B 827 24.82 6.00 -1.48
CA HIS B 827 25.12 5.08 -0.41
C HIS B 827 24.42 5.41 0.88
N LYS B 828 23.21 5.96 0.80
CA LYS B 828 22.46 6.22 2.01
C LYS B 828 21.88 4.88 2.44
N ALA B 829 21.78 4.65 3.73
CA ALA B 829 21.27 3.36 4.18
C ALA B 829 19.74 3.31 4.14
N PHE B 830 19.22 2.10 4.00
CA PHE B 830 17.78 1.88 3.97
C PHE B 830 17.24 1.59 5.35
N ASN B 831 15.96 1.88 5.53
CA ASN B 831 15.31 1.62 6.79
C ASN B 831 15.04 0.12 6.93
N GLN B 832 15.15 -0.39 8.15
CA GLN B 832 14.88 -1.79 8.39
C GLN B 832 13.44 -2.05 8.74
N VAL B 833 12.54 -1.17 8.34
CA VAL B 833 11.12 -1.31 8.59
C VAL B 833 10.34 -1.46 7.28
N LEU B 834 10.71 -0.68 6.26
CA LEU B 834 10.03 -0.75 4.97
C LEU B 834 10.22 -2.08 4.28
N LEU B 835 11.41 -2.67 4.41
CA LEU B 835 11.67 -3.96 3.77
C LEU B 835 10.76 -5.01 4.34
N GLN B 836 10.59 -4.97 5.65
CA GLN B 836 9.72 -5.86 6.37
C GLN B 836 8.26 -5.63 5.96
N GLU B 837 7.91 -4.36 5.78
CA GLU B 837 6.58 -3.97 5.34
C GLU B 837 6.24 -4.60 4.00
N HIS B 838 7.14 -4.45 3.04
CA HIS B 838 6.91 -5.02 1.71
C HIS B 838 6.86 -6.54 1.76
N LEU B 839 7.65 -7.16 2.64
CA LEU B 839 7.63 -8.61 2.72
C LEU B 839 6.28 -9.12 3.23
N ILE B 840 5.75 -8.45 4.25
CA ILE B 840 4.46 -8.88 4.79
C ILE B 840 3.35 -8.66 3.77
N GLN B 841 3.40 -7.56 3.01
CA GLN B 841 2.32 -7.48 2.03
C GLN B 841 2.59 -8.36 0.82
N LYS B 842 3.81 -8.88 0.64
CA LYS B 842 4.00 -9.85 -0.42
C LYS B 842 3.36 -11.15 0.02
N LEU B 843 3.38 -11.42 1.33
CA LEU B 843 2.68 -12.59 1.89
C LEU B 843 1.20 -12.47 1.63
N ARG B 844 0.65 -11.27 1.87
CA ARG B 844 -0.76 -11.02 1.63
C ARG B 844 -1.13 -11.26 0.17
N SER B 845 -0.30 -10.74 -0.74
CA SER B 845 -0.54 -10.90 -2.17
C SER B 845 -0.52 -12.35 -2.60
N ASP B 846 0.43 -13.13 -2.08
CA ASP B 846 0.52 -14.53 -2.46
C ASP B 846 -0.67 -15.32 -1.97
N ILE B 847 -1.12 -15.06 -0.74
CA ILE B 847 -2.25 -15.80 -0.22
C ILE B 847 -3.52 -15.47 -1.01
N GLU B 848 -3.75 -14.18 -1.30
CA GLU B 848 -4.95 -13.87 -2.08
C GLU B 848 -4.83 -14.34 -3.52
N SER B 849 -3.61 -14.46 -4.03
CA SER B 849 -3.45 -14.96 -5.38
C SER B 849 -3.77 -16.44 -5.42
N TYR B 850 -3.46 -17.16 -4.34
CA TYR B 850 -3.79 -18.57 -4.33
C TYR B 850 -5.27 -18.79 -4.13
N LEU B 851 -5.92 -17.95 -3.34
CA LEU B 851 -7.34 -18.21 -3.13
C LEU B 851 -8.26 -17.72 -4.24
N ILE B 852 -7.77 -17.39 -5.43
CA ILE B 852 -8.67 -16.96 -6.48
C ILE B 852 -8.34 -17.68 -7.77
N GLN B 853 -7.50 -18.70 -7.70
CA GLN B 853 -7.12 -19.40 -8.93
C GLN B 853 -8.30 -20.17 -9.50
N ASP B 854 -8.21 -20.42 -10.80
CA ASP B 854 -9.26 -21.10 -11.53
C ASP B 854 -9.07 -22.60 -11.55
N LEU B 855 -9.97 -23.29 -12.23
CA LEU B 855 -9.94 -24.74 -12.32
C LEU B 855 -10.14 -25.18 -13.77
N ARG B 856 -9.54 -26.33 -14.09
CA ARG B 856 -9.59 -26.94 -15.41
C ARG B 856 -9.74 -28.43 -15.22
N CYS B 857 -9.40 -29.20 -16.25
CA CYS B 857 -9.50 -30.65 -16.24
C CYS B 857 -8.28 -31.25 -16.93
N SER B 858 -8.17 -32.56 -16.85
CA SER B 858 -7.11 -33.27 -17.54
C SER B 858 -7.57 -33.57 -18.95
N ARG B 859 -8.81 -34.08 -19.06
CA ARG B 859 -9.35 -34.38 -20.38
C ARG B 859 -9.67 -33.09 -21.10
N CYS B 860 -10.64 -32.36 -20.62
CA CYS B 860 -10.98 -31.10 -21.21
C CYS B 860 -10.05 -30.05 -20.63
N HIS B 861 -10.01 -28.89 -21.24
CA HIS B 861 -9.14 -27.84 -20.72
C HIS B 861 -9.90 -26.54 -20.77
N LYS B 862 -11.19 -26.63 -20.45
CA LYS B 862 -12.11 -25.51 -20.45
C LYS B 862 -12.06 -24.80 -19.11
N VAL B 863 -12.14 -23.48 -19.17
CA VAL B 863 -12.14 -22.65 -17.97
C VAL B 863 -13.46 -22.85 -17.27
N LYS B 864 -13.43 -23.00 -15.94
CA LYS B 864 -14.67 -23.17 -15.22
C LYS B 864 -15.38 -21.84 -15.21
N ARG B 865 -16.20 -21.59 -16.22
CA ARG B 865 -16.91 -20.33 -16.33
C ARG B 865 -18.33 -20.46 -15.83
N ASP B 866 -18.52 -21.29 -14.82
CA ASP B 866 -19.78 -21.54 -14.17
C ASP B 866 -19.47 -21.77 -12.70
N TYR B 867 -20.45 -22.26 -11.95
CA TYR B 867 -20.18 -22.47 -10.53
C TYR B 867 -20.78 -23.72 -9.92
N MET B 868 -21.44 -24.59 -10.66
CA MET B 868 -22.04 -25.76 -10.02
C MET B 868 -21.70 -27.07 -10.72
N SER B 869 -20.68 -27.09 -11.55
CA SER B 869 -20.33 -28.33 -12.22
C SER B 869 -19.51 -29.19 -11.27
N ALA B 870 -19.96 -30.43 -11.07
CA ALA B 870 -19.26 -31.34 -10.17
C ALA B 870 -17.91 -31.77 -10.72
N HIS B 871 -17.78 -31.83 -12.04
CA HIS B 871 -16.55 -32.25 -12.69
C HIS B 871 -16.60 -31.72 -14.11
N CYS B 872 -15.73 -32.26 -14.96
CA CYS B 872 -15.65 -31.88 -16.36
C CYS B 872 -16.93 -32.30 -17.08
N PRO B 873 -17.33 -31.59 -18.14
CA PRO B 873 -18.53 -32.02 -18.89
C PRO B 873 -18.26 -33.31 -19.62
N CYS B 874 -16.99 -33.59 -19.83
CA CYS B 874 -16.42 -34.79 -20.41
C CYS B 874 -16.25 -35.79 -19.26
N ALA B 875 -15.47 -36.85 -19.44
CA ALA B 875 -15.28 -37.83 -18.38
C ALA B 875 -14.12 -37.49 -17.45
N GLY B 876 -13.81 -36.22 -17.27
CA GLY B 876 -12.73 -35.80 -16.40
C GLY B 876 -13.23 -35.24 -15.07
N ALA B 877 -12.28 -34.72 -14.31
CA ALA B 877 -12.54 -34.12 -13.00
C ALA B 877 -11.86 -32.77 -12.91
N TRP B 878 -12.16 -32.02 -11.84
CA TRP B 878 -11.56 -30.70 -11.68
C TRP B 878 -10.11 -30.81 -11.22
N GLU B 879 -9.29 -29.89 -11.73
CA GLU B 879 -7.87 -29.81 -11.45
C GLU B 879 -7.49 -28.35 -11.28
N GLY B 880 -6.53 -28.11 -10.41
CA GLY B 880 -6.10 -26.76 -10.17
C GLY B 880 -5.09 -26.26 -11.18
N THR B 881 -4.85 -24.96 -11.12
CA THR B 881 -3.87 -24.30 -11.99
C THR B 881 -2.51 -24.20 -11.31
N LEU B 882 -2.48 -24.28 -9.99
CA LEU B 882 -1.28 -24.23 -9.18
C LEU B 882 -1.61 -24.89 -7.86
N PRO B 883 -0.96 -25.99 -7.51
CA PRO B 883 -1.28 -26.70 -6.27
C PRO B 883 -0.67 -26.03 -5.04
N ARG B 884 -1.01 -26.61 -3.88
CA ARG B 884 -0.59 -26.15 -2.57
C ARG B 884 0.92 -26.19 -2.35
N GLU B 885 1.62 -27.06 -3.09
CA GLU B 885 3.05 -27.25 -2.92
C GLU B 885 3.85 -25.97 -3.10
N SER B 886 3.46 -25.15 -4.09
CA SER B 886 4.15 -23.89 -4.34
C SER B 886 4.01 -22.93 -3.17
N ILE B 887 2.82 -22.89 -2.57
CA ILE B 887 2.58 -22.03 -1.42
C ILE B 887 3.39 -22.51 -0.23
N VAL B 888 3.49 -23.84 -0.05
CA VAL B 888 4.27 -24.40 1.05
C VAL B 888 5.73 -24.05 0.87
N GLN B 889 6.21 -24.11 -0.38
CA GLN B 889 7.59 -23.76 -0.67
C GLN B 889 7.85 -22.31 -0.35
N LYS B 890 6.94 -21.42 -0.74
CA LYS B 890 7.14 -20.01 -0.49
C LYS B 890 7.12 -19.70 1.00
N LEU B 891 6.20 -20.32 1.75
CA LEU B 891 6.18 -20.07 3.19
C LEU B 891 7.43 -20.59 3.87
N ASN B 892 8.00 -21.69 3.35
CA ASN B 892 9.25 -22.17 3.90
C ASN B 892 10.38 -21.20 3.57
N VAL B 893 10.28 -20.51 2.42
CA VAL B 893 11.27 -19.51 2.09
C VAL B 893 11.15 -18.34 3.08
N PHE B 894 9.91 -18.02 3.47
CA PHE B 894 9.70 -16.96 4.47
C PHE B 894 10.33 -17.37 5.79
N LYS B 895 10.22 -18.65 6.13
CA LYS B 895 10.84 -19.17 7.33
C LYS B 895 12.36 -19.03 7.27
N GLN B 896 12.95 -19.37 6.12
CA GLN B 896 14.39 -19.26 5.98
C GLN B 896 14.88 -17.81 6.04
N VAL B 897 14.13 -16.88 5.43
CA VAL B 897 14.55 -15.49 5.45
C VAL B 897 14.45 -14.94 6.85
N ALA B 898 13.41 -15.35 7.60
CA ALA B 898 13.31 -14.93 8.98
C ALA B 898 14.44 -15.55 9.80
N LYS B 899 14.88 -16.74 9.42
CA LYS B 899 16.01 -17.38 10.09
C LYS B 899 17.29 -16.58 9.87
N TYR B 900 17.52 -16.11 8.64
CA TYR B 900 18.73 -15.35 8.35
C TYR B 900 18.72 -14.00 9.04
N TYR B 901 17.55 -13.37 9.14
CA TYR B 901 17.55 -12.04 9.73
C TYR B 901 16.73 -11.90 11.01
N GLY B 902 15.45 -12.28 10.99
CA GLY B 902 14.66 -12.12 12.20
C GLY B 902 13.74 -10.92 12.25
N PHE B 903 12.93 -10.73 11.22
CA PHE B 903 12.00 -9.61 11.20
C PHE B 903 10.85 -9.91 12.15
N ASP B 904 10.62 -9.00 13.07
CA ASP B 904 9.65 -9.05 14.15
C ASP B 904 8.21 -9.35 13.75
N ILE B 905 7.60 -8.37 13.08
CA ILE B 905 6.22 -8.46 12.65
C ILE B 905 6.07 -9.57 11.62
N LEU B 906 7.17 -9.90 10.91
CA LEU B 906 7.13 -11.01 9.98
C LEU B 906 6.88 -12.31 10.72
N LEU B 907 7.55 -12.49 11.87
CA LEU B 907 7.31 -13.67 12.68
C LEU B 907 5.91 -13.66 13.24
N SER B 908 5.41 -12.46 13.55
CA SER B 908 4.06 -12.33 14.09
C SER B 908 3.02 -12.81 13.10
N CYS B 909 3.07 -12.31 11.87
CA CYS B 909 2.10 -12.72 10.87
C CYS B 909 2.31 -14.18 10.44
N ILE B 910 3.54 -14.67 10.46
CA ILE B 910 3.78 -16.07 10.11
C ILE B 910 3.15 -16.99 11.15
N ALA B 911 3.27 -16.62 12.42
CA ALA B 911 2.63 -17.44 13.44
C ALA B 911 1.12 -17.27 13.39
N ASP B 912 0.63 -16.11 12.93
CA ASP B 912 -0.81 -15.90 12.82
C ASP B 912 -1.42 -16.68 11.68
N LEU B 913 -0.64 -16.99 10.64
CA LEU B 913 -1.21 -17.74 9.54
C LEU B 913 -1.45 -19.20 9.93
N THR B 914 -0.39 -19.93 10.22
CA THR B 914 -0.54 -21.31 10.63
C THR B 914 -0.44 -21.40 12.15
#